data_7DQK
#
_entry.id   7DQK
#
_cell.length_a   61.000
_cell.length_b   89.370
_cell.length_c   228.960
_cell.angle_alpha   90.000
_cell.angle_beta   90.000
_cell.angle_gamma   90.000
#
_symmetry.space_group_name_H-M   'P 21 21 21'
#
loop_
_entity.id
_entity.type
_entity.pdbx_description
1 polymer 'Protein DETOXIFICATION'
2 non-polymer DI(HYDROXYETHYL)ETHER
3 non-polymer '(2R)-2,3-dihydroxypropyl (9Z)-octadec-9-enoate'
4 non-polymer 'PHOSPHATE ION'
5 non-polymer 'CHLORIDE ION'
6 water water
#
_entity_poly.entity_id   1
_entity_poly.type   'polypeptide(L)'
_entity_poly.pdbx_seq_one_letter_code
;MGKSMKSEVEQPLLAAAHGGSSELEEVLSDSQLPYFRRLRYASWIEFQLLYRLAAPSVAVYMINNAMSMSTRIFSGQLGN
LQLAAASLGNQGIQLFAYGLMLGMGSAVETLCGQAYGAHRYEMLGVYLQRATVVLSLTGIPLAVVYLFSKNILLALGESK
LVASAAAVFVYGLIPQIFAYAVNFPIQKFLQSQSIVAPSAFISLGTLFVHILLSWVVVYKIGLGLLGASLVLSFSWWIIV
VAQFIYILKSERCKATWAGFRWEAFSGLWQFVKLSAGSAVMLCLETWYFQILVLLSGLLKNPEIALASISVCLAVNGLMF
MVAVGFNAAASVRVSNELGAAHPKSAAFSVFMVTFISFLIAVVEAIIVLSLRNVISYAFTEGEVVAKEVSSLCPYLAVTL
ILNGIQPVLSGVAVGCGWQAFVAYVNVGCYYGVGIPLGCLLGFKFDFGAKGIWTGMIGGTVMQTIILLWVTFSTDWNKEV
ESARKRLDKWENLKGPLNKEEFPGENLYFQ
;
_entity_poly.pdbx_strand_id   A,B
#
loop_
_chem_comp.id
_chem_comp.type
_chem_comp.name
_chem_comp.formula
CL non-polymer 'CHLORIDE ION' 'Cl -1'
OLC non-polymer '(2R)-2,3-dihydroxypropyl (9Z)-octadec-9-enoate' 'C21 H40 O4'
PEG non-polymer DI(HYDROXYETHYL)ETHER 'C4 H10 O3'
PO4 non-polymer 'PHOSPHATE ION' 'O4 P -3'
#
# COMPACT_ATOMS: atom_id res chain seq x y z
N HIS A 18 13.63 4.72 38.43
CA HIS A 18 12.63 3.82 37.86
C HIS A 18 11.44 4.61 37.31
N GLY A 19 11.63 5.25 36.16
CA GLY A 19 10.60 6.07 35.57
C GLY A 19 10.47 7.47 36.13
N GLY A 20 11.33 7.86 37.09
CA GLY A 20 11.27 9.22 37.61
C GLY A 20 11.62 10.26 36.58
N SER A 21 12.57 9.96 35.71
CA SER A 21 12.95 10.90 34.66
C SER A 21 11.80 11.14 33.69
N SER A 22 11.05 10.09 33.37
CA SER A 22 9.91 10.23 32.46
C SER A 22 8.85 11.16 33.04
N GLU A 23 8.58 11.03 34.34
CA GLU A 23 7.63 11.91 35.00
C GLU A 23 8.09 13.36 34.94
N LEU A 24 9.39 13.59 35.13
CA LEU A 24 9.93 14.94 35.12
C LEU A 24 9.80 15.58 33.74
N GLU A 25 10.05 14.79 32.69
CA GLU A 25 9.93 15.31 31.33
C GLU A 25 8.51 15.76 31.04
N GLU A 26 7.52 15.00 31.49
CA GLU A 26 6.12 15.40 31.30
C GLU A 26 5.83 16.68 32.06
N VAL A 27 6.39 16.82 33.27
CA VAL A 27 6.16 18.02 34.07
C VAL A 27 6.75 19.24 33.37
N LEU A 28 7.90 19.08 32.71
CA LEU A 28 8.55 20.21 32.05
C LEU A 28 7.69 20.77 30.94
N SER A 29 7.09 19.89 30.14
CA SER A 29 6.17 20.33 29.10
C SER A 29 4.96 21.04 29.67
N ASP A 30 4.62 20.79 30.93
CA ASP A 30 3.48 21.44 31.58
C ASP A 30 3.99 22.68 32.31
N SER A 31 4.19 23.76 31.55
CA SER A 31 4.72 24.99 32.10
C SER A 31 4.40 26.13 31.16
N GLN A 32 4.41 27.35 31.70
CA GLN A 32 4.25 28.57 30.93
C GLN A 32 5.58 29.12 30.42
N LEU A 33 6.67 28.36 30.58
CA LEU A 33 7.97 28.79 30.12
C LEU A 33 7.99 28.90 28.59
N PRO A 34 8.89 29.71 28.04
CA PRO A 34 8.96 29.84 26.58
C PRO A 34 9.23 28.51 25.90
N TYR A 35 8.87 28.45 24.62
CA TYR A 35 9.00 27.20 23.87
C TYR A 35 10.45 26.78 23.72
N PHE A 36 11.35 27.73 23.45
CA PHE A 36 12.75 27.38 23.24
C PHE A 36 13.41 26.96 24.54
N ARG A 37 13.09 27.62 25.65
CA ARG A 37 13.61 27.20 26.95
C ARG A 37 13.04 25.84 27.34
N ARG A 38 11.77 25.59 27.03
CA ARG A 38 11.17 24.30 27.31
C ARG A 38 11.69 23.22 26.37
N LEU A 39 12.06 23.59 25.14
CA LEU A 39 12.58 22.61 24.18
C LEU A 39 13.98 22.15 24.58
N ARG A 40 14.86 23.08 24.94
CA ARG A 40 16.23 22.72 25.28
C ARG A 40 16.28 21.82 26.51
N TYR A 41 15.40 22.04 27.47
CA TYR A 41 15.47 21.40 28.77
C TYR A 41 14.57 20.17 28.86
N ALA A 42 13.76 19.92 27.83
CA ALA A 42 13.15 18.61 27.62
C ALA A 42 13.94 17.75 26.65
N SER A 43 14.74 18.35 25.78
CA SER A 43 15.62 17.60 24.89
C SER A 43 16.82 17.03 25.62
N TRP A 44 17.34 17.76 26.63
CA TRP A 44 18.48 17.26 27.39
C TRP A 44 18.11 16.03 28.19
N ILE A 45 16.94 16.04 28.85
CA ILE A 45 16.52 14.87 29.62
C ILE A 45 16.11 13.75 28.69
N GLU A 46 15.64 14.07 27.49
CA GLU A 46 15.31 13.03 26.51
C GLU A 46 16.58 12.42 25.92
N PHE A 47 17.54 13.26 25.53
CA PHE A 47 18.78 12.76 24.96
C PHE A 47 19.53 11.86 25.92
N GLN A 48 19.44 12.13 27.23
CA GLN A 48 20.10 11.26 28.21
C GLN A 48 19.42 9.90 28.26
N LEU A 49 18.10 9.85 28.11
CA LEU A 49 17.41 8.57 28.12
C LEU A 49 17.69 7.78 26.84
N LEU A 50 17.71 8.45 25.69
CA LEU A 50 18.03 7.77 24.44
C LEU A 50 19.43 7.17 24.45
N TYR A 51 20.41 7.91 25.00
CA TYR A 51 21.78 7.42 24.99
C TYR A 51 21.94 6.24 25.94
N ARG A 52 21.27 6.27 27.09
CA ARG A 52 21.37 5.17 28.04
C ARG A 52 20.68 3.91 27.55
N LEU A 53 19.94 3.98 26.45
CA LEU A 53 19.22 2.83 25.89
C LEU A 53 19.78 2.35 24.57
N ALA A 54 20.16 3.27 23.67
CA ALA A 54 20.60 2.87 22.34
C ALA A 54 22.06 2.42 22.31
N ALA A 55 22.91 2.99 23.17
CA ALA A 55 24.32 2.64 23.14
C ALA A 55 24.57 1.19 23.53
N PRO A 56 24.02 0.64 24.61
CA PRO A 56 24.22 -0.79 24.88
C PRO A 56 23.48 -1.70 23.91
N SER A 57 22.42 -1.21 23.27
CA SER A 57 21.68 -2.04 22.32
C SER A 57 22.53 -2.36 21.10
N VAL A 58 23.30 -1.39 20.62
CA VAL A 58 24.20 -1.64 19.49
C VAL A 58 25.33 -2.57 19.91
N ALA A 59 25.82 -2.42 21.15
CA ALA A 59 26.92 -3.26 21.62
C ALA A 59 26.49 -4.71 21.78
N VAL A 60 25.20 -4.97 22.03
CA VAL A 60 24.73 -6.33 22.18
C VAL A 60 24.66 -7.02 20.82
N TYR A 61 24.09 -6.33 19.83
CA TYR A 61 23.94 -6.94 18.50
C TYR A 61 25.28 -7.11 17.80
N MET A 62 26.24 -6.22 18.06
CA MET A 62 27.55 -6.33 17.42
C MET A 62 28.33 -7.51 17.98
N ILE A 63 28.27 -7.73 19.29
CA ILE A 63 28.99 -8.85 19.90
C ILE A 63 28.34 -10.17 19.53
N ASN A 64 27.00 -10.20 19.47
CA ASN A 64 26.31 -11.43 19.12
C ASN A 64 26.58 -11.81 17.66
N ASN A 65 26.52 -10.83 16.75
CA ASN A 65 26.85 -11.11 15.35
C ASN A 65 28.33 -11.44 15.20
N ALA A 66 29.18 -10.94 16.08
CA ALA A 66 30.59 -11.32 16.05
C ALA A 66 30.76 -12.81 16.33
N MET A 67 29.94 -13.37 17.22
CA MET A 67 29.96 -14.81 17.45
C MET A 67 29.53 -15.57 16.20
N SER A 68 28.54 -15.03 15.48
CA SER A 68 28.17 -15.63 14.20
C SER A 68 29.30 -15.50 13.19
N MET A 69 30.06 -14.40 13.26
CA MET A 69 31.25 -14.26 12.42
C MET A 69 32.41 -15.10 12.94
N SER A 70 32.55 -15.18 14.27
CA SER A 70 33.62 -16.00 14.85
C SER A 70 33.42 -17.47 14.53
N THR A 71 32.19 -17.96 14.64
CA THR A 71 31.90 -19.34 14.25
C THR A 71 32.10 -19.52 12.74
N ARG A 72 31.68 -18.54 11.95
CA ARG A 72 31.91 -18.62 10.50
C ARG A 72 33.40 -18.58 10.17
N ILE A 73 34.17 -17.80 10.92
CA ILE A 73 35.61 -17.71 10.67
C ILE A 73 36.32 -18.96 11.15
N PHE A 74 36.01 -19.40 12.37
CA PHE A 74 36.70 -20.57 12.93
C PHE A 74 36.38 -21.83 12.16
N SER A 75 35.12 -21.98 11.71
CA SER A 75 34.76 -23.15 10.91
C SER A 75 35.27 -23.03 9.49
N GLY A 76 35.39 -21.82 8.96
CA GLY A 76 35.85 -21.63 7.60
C GLY A 76 37.34 -21.85 7.39
N GLN A 77 38.10 -22.05 8.47
CA GLN A 77 39.53 -22.29 8.38
C GLN A 77 39.86 -23.76 8.18
N LEU A 78 38.86 -24.62 8.01
CA LEU A 78 39.08 -26.05 7.81
C LEU A 78 38.98 -26.45 6.34
N GLY A 79 38.74 -25.50 5.45
CA GLY A 79 38.60 -25.78 4.03
C GLY A 79 37.51 -24.91 3.43
N ASN A 80 37.50 -24.84 2.09
CA ASN A 80 36.51 -24.03 1.41
C ASN A 80 35.12 -24.64 1.51
N LEU A 81 35.03 -25.96 1.60
CA LEU A 81 33.73 -26.60 1.79
C LEU A 81 33.14 -26.26 3.15
N GLN A 82 33.99 -26.09 4.17
CA GLN A 82 33.50 -25.76 5.50
C GLN A 82 33.00 -24.33 5.57
N LEU A 83 33.64 -23.41 4.84
CA LEU A 83 33.21 -22.02 4.84
C LEU A 83 31.86 -21.86 4.15
N ALA A 84 31.65 -22.60 3.06
CA ALA A 84 30.35 -22.57 2.38
C ALA A 84 29.25 -23.13 3.27
N ALA A 85 29.58 -24.09 4.13
CA ALA A 85 28.58 -24.63 5.05
C ALA A 85 28.21 -23.60 6.11
N ALA A 86 29.20 -22.86 6.62
CA ALA A 86 28.91 -21.83 7.62
C ALA A 86 28.20 -20.63 7.00
N SER A 87 28.45 -20.34 5.72
CA SER A 87 27.81 -19.22 5.06
C SER A 87 26.38 -19.56 4.65
N LEU A 88 26.20 -20.71 3.99
CA LEU A 88 24.85 -21.10 3.57
C LEU A 88 23.96 -21.44 4.75
N GLY A 89 24.54 -21.99 5.82
CA GLY A 89 23.74 -22.30 7.00
C GLY A 89 23.28 -21.07 7.75
N ASN A 90 24.09 -20.00 7.73
CA ASN A 90 23.73 -18.79 8.45
C ASN A 90 22.73 -17.95 7.67
N GLN A 91 22.98 -17.75 6.37
CA GLN A 91 22.10 -16.91 5.56
C GLN A 91 20.90 -17.64 5.00
N GLY A 92 21.01 -18.95 4.79
CA GLY A 92 19.93 -19.71 4.19
C GLY A 92 18.80 -20.04 5.13
N ILE A 93 19.06 -20.91 6.11
CA ILE A 93 18.04 -21.40 7.01
C ILE A 93 18.03 -20.66 8.34
N GLN A 94 19.20 -20.28 8.84
CA GLN A 94 19.27 -19.57 10.11
C GLN A 94 18.65 -18.18 10.00
N LEU A 95 18.95 -17.44 8.93
CA LEU A 95 18.34 -16.14 8.74
C LEU A 95 16.83 -16.24 8.60
N PHE A 96 16.33 -17.38 8.09
CA PHE A 96 14.90 -17.61 8.09
C PHE A 96 14.39 -17.92 9.50
N ALA A 97 15.14 -18.71 10.26
CA ALA A 97 14.77 -19.01 11.64
C ALA A 97 15.04 -17.84 12.59
N TYR A 98 15.96 -16.94 12.23
CA TYR A 98 16.25 -15.79 13.07
C TYR A 98 15.09 -14.81 13.06
N GLY A 99 14.55 -14.52 11.87
CA GLY A 99 13.45 -13.58 11.77
C GLY A 99 12.14 -14.10 12.32
N LEU A 100 11.99 -15.42 12.44
CA LEU A 100 10.77 -15.98 12.98
C LEU A 100 10.73 -15.91 14.50
N MET A 101 11.90 -16.06 15.16
CA MET A 101 11.94 -15.98 16.61
C MET A 101 11.78 -14.54 17.10
N LEU A 102 12.52 -13.61 16.48
CA LEU A 102 12.45 -12.22 16.89
C LEU A 102 11.08 -11.62 16.62
N GLY A 103 10.37 -12.11 15.61
CA GLY A 103 9.04 -11.59 15.32
C GLY A 103 8.05 -11.88 16.43
N MET A 104 8.08 -13.09 16.98
CA MET A 104 7.18 -13.41 18.08
C MET A 104 7.56 -12.66 19.36
N GLY A 105 8.82 -12.23 19.47
CA GLY A 105 9.27 -11.53 20.65
C GLY A 105 8.92 -10.07 20.60
N SER A 106 8.09 -9.68 19.63
CA SER A 106 7.69 -8.28 19.53
C SER A 106 6.49 -7.96 20.42
N ALA A 107 5.64 -8.96 20.67
CA ALA A 107 4.48 -8.72 21.53
C ALA A 107 4.90 -8.59 22.99
N VAL A 108 5.90 -9.36 23.42
CA VAL A 108 6.43 -9.22 24.77
C VAL A 108 7.20 -7.91 24.90
N GLU A 109 7.66 -7.34 23.79
CA GLU A 109 8.36 -6.06 23.84
C GLU A 109 7.40 -4.92 24.14
N THR A 110 6.23 -4.93 23.51
CA THR A 110 5.27 -3.85 23.73
C THR A 110 4.47 -4.05 25.01
N LEU A 111 4.33 -5.29 25.47
CA LEU A 111 3.56 -5.54 26.69
C LEU A 111 4.37 -5.29 27.95
N CYS A 112 5.68 -5.56 27.91
CA CYS A 112 6.51 -5.32 29.09
C CYS A 112 6.78 -3.83 29.27
N GLY A 113 6.99 -3.10 28.17
CA GLY A 113 7.27 -1.68 28.29
C GLY A 113 6.07 -0.89 28.78
N GLN A 114 4.88 -1.21 28.29
CA GLN A 114 3.67 -0.54 28.77
C GLN A 114 3.35 -0.93 30.20
N ALA A 115 3.62 -2.17 30.59
CA ALA A 115 3.37 -2.59 31.97
C ALA A 115 4.37 -1.98 32.93
N TYR A 116 5.64 -1.83 32.49
CA TYR A 116 6.63 -1.19 33.35
C TYR A 116 6.32 0.28 33.57
N GLY A 117 5.65 0.92 32.60
CA GLY A 117 5.25 2.30 32.79
C GLY A 117 4.02 2.45 33.68
N ALA A 118 3.14 1.46 33.67
CA ALA A 118 1.93 1.48 34.49
C ALA A 118 2.15 0.88 35.87
N HIS A 119 3.42 0.71 36.29
CA HIS A 119 3.81 0.20 37.59
C HIS A 119 3.30 -1.21 37.86
N ARG A 120 2.80 -1.91 36.84
CA ARG A 120 2.38 -3.30 36.98
C ARG A 120 3.59 -4.22 36.81
N TYR A 121 4.54 -4.06 37.72
CA TYR A 121 5.81 -4.79 37.63
C TYR A 121 5.60 -6.30 37.78
N GLU A 122 4.57 -6.71 38.52
CA GLU A 122 4.38 -8.14 38.80
C GLU A 122 4.17 -8.95 37.53
N MET A 123 3.50 -8.37 36.53
CA MET A 123 3.17 -9.09 35.31
C MET A 123 4.26 -9.02 34.26
N LEU A 124 5.35 -8.30 34.52
CA LEU A 124 6.48 -8.31 33.60
C LEU A 124 7.10 -9.69 33.51
N GLY A 125 7.27 -10.36 34.65
CA GLY A 125 7.76 -11.72 34.62
C GLY A 125 6.76 -12.70 34.02
N VAL A 126 5.47 -12.37 34.07
CA VAL A 126 4.46 -13.21 33.44
C VAL A 126 4.60 -13.13 31.92
N TYR A 127 4.83 -11.93 31.39
CA TYR A 127 5.02 -11.79 29.95
C TYR A 127 6.29 -12.50 29.47
N LEU A 128 7.32 -12.56 30.31
CA LEU A 128 8.54 -13.26 29.94
C LEU A 128 8.26 -14.75 29.76
N GLN A 129 7.60 -15.37 30.74
CA GLN A 129 7.30 -16.80 30.65
C GLN A 129 6.27 -17.08 29.56
N ARG A 130 5.26 -16.21 29.42
CA ARG A 130 4.26 -16.41 28.39
C ARG A 130 4.86 -16.28 27.00
N ALA A 131 5.85 -15.41 26.84
CA ALA A 131 6.57 -15.34 25.56
C ALA A 131 7.48 -16.53 25.36
N THR A 132 8.06 -17.06 26.45
CA THR A 132 8.92 -18.23 26.34
C THR A 132 8.13 -19.45 25.90
N VAL A 133 6.92 -19.63 26.44
CA VAL A 133 6.09 -20.77 26.07
C VAL A 133 5.72 -20.70 24.59
N VAL A 134 5.32 -19.52 24.12
CA VAL A 134 4.95 -19.38 22.71
C VAL A 134 6.17 -19.57 21.82
N LEU A 135 7.31 -18.98 22.19
CA LEU A 135 8.51 -19.11 21.38
C LEU A 135 9.08 -20.51 21.43
N SER A 136 8.88 -21.24 22.54
CA SER A 136 9.35 -22.61 22.62
C SER A 136 8.53 -23.54 21.73
N LEU A 137 7.24 -23.23 21.54
CA LEU A 137 6.43 -23.99 20.60
C LEU A 137 6.75 -23.63 19.15
N THR A 138 7.14 -22.38 18.89
CA THR A 138 7.49 -21.98 17.54
C THR A 138 8.80 -22.62 17.09
N GLY A 139 9.71 -22.90 18.03
CA GLY A 139 10.96 -23.54 17.69
C GLY A 139 10.86 -25.01 17.36
N ILE A 140 9.66 -25.58 17.37
CA ILE A 140 9.47 -27.00 17.04
C ILE A 140 9.34 -27.18 15.53
N PRO A 141 8.53 -26.39 14.81
CA PRO A 141 8.59 -26.46 13.35
C PRO A 141 9.94 -26.06 12.78
N LEU A 142 10.65 -25.13 13.42
CA LEU A 142 11.98 -24.77 12.97
C LEU A 142 12.98 -25.88 13.17
N ALA A 143 12.69 -26.84 14.05
CA ALA A 143 13.63 -27.94 14.28
C ALA A 143 13.60 -28.94 13.13
N VAL A 144 12.42 -29.26 12.61
CA VAL A 144 12.33 -30.24 11.53
C VAL A 144 12.84 -29.64 10.22
N VAL A 145 12.77 -28.31 10.07
CA VAL A 145 13.35 -27.68 8.90
C VAL A 145 14.87 -27.76 8.95
N TYR A 146 15.44 -27.64 10.15
CA TYR A 146 16.88 -27.79 10.31
C TYR A 146 17.33 -29.22 10.01
N LEU A 147 16.50 -30.21 10.34
CA LEU A 147 16.86 -31.60 10.08
C LEU A 147 16.91 -31.88 8.58
N PHE A 148 15.92 -31.38 7.83
CA PHE A 148 15.88 -31.55 6.38
C PHE A 148 16.53 -30.40 5.63
N SER A 149 17.50 -29.72 6.24
CA SER A 149 18.21 -28.66 5.55
C SER A 149 19.07 -29.20 4.41
N LYS A 150 19.51 -30.45 4.52
CA LYS A 150 20.25 -31.08 3.42
C LYS A 150 19.36 -31.26 2.21
N ASN A 151 18.10 -31.63 2.42
CA ASN A 151 17.21 -31.91 1.30
C ASN A 151 16.74 -30.63 0.61
N ILE A 152 16.56 -29.54 1.38
CA ILE A 152 16.15 -28.29 0.77
C ILE A 152 17.30 -27.64 0.02
N LEU A 153 18.55 -27.94 0.38
CA LEU A 153 19.68 -27.38 -0.34
C LEU A 153 19.90 -28.08 -1.68
N LEU A 154 19.82 -29.41 -1.70
CA LEU A 154 19.89 -30.12 -2.98
C LEU A 154 18.67 -29.85 -3.85
N ALA A 155 17.55 -29.41 -3.26
CA ALA A 155 16.40 -29.02 -4.06
C ALA A 155 16.65 -27.69 -4.77
N LEU A 156 17.42 -26.79 -4.15
CA LEU A 156 17.80 -25.54 -4.79
C LEU A 156 18.94 -25.70 -5.79
N GLY A 157 19.53 -26.89 -5.89
CA GLY A 157 20.56 -27.17 -6.86
C GLY A 157 21.97 -27.28 -6.31
N GLU A 158 22.15 -27.17 -5.00
CA GLU A 158 23.47 -27.29 -4.41
C GLU A 158 23.97 -28.74 -4.52
N SER A 159 25.29 -28.88 -4.45
CA SER A 159 25.90 -30.21 -4.53
C SER A 159 25.55 -31.03 -3.29
N LYS A 160 25.57 -32.36 -3.46
CA LYS A 160 25.30 -33.25 -2.34
C LYS A 160 26.37 -33.13 -1.26
N LEU A 161 27.62 -32.90 -1.67
CA LEU A 161 28.68 -32.72 -0.69
C LEU A 161 28.52 -31.40 0.05
N VAL A 162 28.04 -30.37 -0.63
CA VAL A 162 27.81 -29.08 0.02
C VAL A 162 26.55 -29.14 0.88
N ALA A 163 25.50 -29.82 0.41
CA ALA A 163 24.27 -29.93 1.18
C ALA A 163 24.49 -30.74 2.44
N SER A 164 25.21 -31.86 2.35
CA SER A 164 25.48 -32.66 3.53
C SER A 164 26.41 -31.95 4.50
N ALA A 165 27.32 -31.11 3.99
CA ALA A 165 28.22 -30.37 4.86
C ALA A 165 27.47 -29.28 5.62
N ALA A 166 26.63 -28.52 4.93
CA ALA A 166 25.86 -27.47 5.59
C ALA A 166 24.85 -28.04 6.57
N ALA A 167 24.30 -29.21 6.26
CA ALA A 167 23.35 -29.85 7.18
C ALA A 167 24.03 -30.18 8.50
N VAL A 168 25.22 -30.76 8.45
CA VAL A 168 25.97 -31.05 9.67
C VAL A 168 26.23 -29.78 10.46
N PHE A 169 26.55 -28.69 9.76
CA PHE A 169 26.66 -27.40 10.43
C PHE A 169 25.30 -26.90 10.91
N VAL A 170 24.24 -27.21 10.18
CA VAL A 170 22.89 -26.85 10.62
C VAL A 170 22.44 -27.75 11.77
N TYR A 171 22.85 -29.03 11.75
CA TYR A 171 22.55 -29.92 12.86
C TYR A 171 23.08 -29.39 14.18
N GLY A 172 24.21 -28.70 14.15
CA GLY A 172 24.76 -28.09 15.35
C GLY A 172 24.09 -26.81 15.77
N LEU A 173 23.23 -26.24 14.93
CA LEU A 173 22.51 -25.01 15.23
C LEU A 173 21.07 -25.25 15.67
N ILE A 174 20.68 -26.51 15.87
CA ILE A 174 19.34 -26.82 16.35
C ILE A 174 19.19 -26.50 17.84
N PRO A 175 20.25 -26.43 18.65
CA PRO A 175 20.07 -25.82 19.99
C PRO A 175 20.05 -24.31 19.95
N GLN A 176 20.65 -23.68 18.94
CA GLN A 176 20.55 -22.23 18.79
C GLN A 176 19.12 -21.78 18.57
N ILE A 177 18.26 -22.65 18.05
CA ILE A 177 16.85 -22.30 17.86
C ILE A 177 16.17 -22.07 19.21
N PHE A 178 16.19 -23.08 20.08
CA PHE A 178 15.56 -22.95 21.38
C PHE A 178 16.30 -21.99 22.30
N ALA A 179 17.56 -21.68 22.00
CA ALA A 179 18.25 -20.62 22.73
C ALA A 179 17.66 -19.25 22.39
N TYR A 180 17.23 -19.06 21.13
CA TYR A 180 16.56 -17.82 20.76
C TYR A 180 15.22 -17.69 21.48
N ALA A 181 14.51 -18.81 21.66
CA ALA A 181 13.18 -18.78 22.25
C ALA A 181 13.17 -18.28 23.68
N VAL A 182 14.31 -18.33 24.36
CA VAL A 182 14.41 -17.82 25.72
C VAL A 182 15.18 -16.51 25.80
N ASN A 183 16.16 -16.29 24.93
CA ASN A 183 16.96 -15.06 25.00
C ASN A 183 16.15 -13.85 24.56
N PHE A 184 15.33 -13.99 23.52
CA PHE A 184 14.56 -12.85 23.04
C PHE A 184 13.51 -12.36 24.04
N PRO A 185 12.74 -13.22 24.72
CA PRO A 185 11.85 -12.68 25.77
C PRO A 185 12.61 -12.01 26.90
N ILE A 186 13.75 -12.57 27.30
CA ILE A 186 14.54 -11.97 28.37
C ILE A 186 15.14 -10.65 27.90
N GLN A 187 15.52 -10.56 26.62
CA GLN A 187 16.08 -9.32 26.10
C GLN A 187 15.08 -8.18 26.19
N LYS A 188 13.86 -8.41 25.70
CA LYS A 188 12.82 -7.38 25.78
C LYS A 188 12.34 -7.16 27.21
N PHE A 189 12.50 -8.16 28.09
CA PHE A 189 12.11 -8.00 29.49
C PHE A 189 13.02 -6.99 30.19
N LEU A 190 14.35 -7.18 30.07
CA LEU A 190 15.28 -6.21 30.61
C LEU A 190 15.29 -4.90 29.82
N GLN A 191 14.86 -4.94 28.55
CA GLN A 191 14.81 -3.72 27.75
C GLN A 191 13.71 -2.80 28.24
N SER A 192 12.58 -3.35 28.67
CA SER A 192 11.47 -2.53 29.12
C SER A 192 11.82 -1.75 30.39
N GLN A 193 12.58 -2.38 31.30
CA GLN A 193 12.98 -1.73 32.54
C GLN A 193 14.18 -0.80 32.35
N SER A 194 14.59 -0.55 31.11
CA SER A 194 15.72 0.32 30.81
C SER A 194 17.01 -0.18 31.47
N ILE A 195 17.18 -1.50 31.49
CA ILE A 195 18.39 -2.13 32.03
C ILE A 195 18.95 -3.05 30.96
N VAL A 196 19.77 -2.51 30.07
CA VAL A 196 20.40 -3.26 28.99
C VAL A 196 21.92 -3.32 29.14
N ALA A 197 22.47 -2.76 30.20
CA ALA A 197 23.92 -2.77 30.44
C ALA A 197 24.43 -4.16 30.83
N PRO A 198 23.75 -4.90 31.72
CA PRO A 198 24.27 -6.25 32.04
C PRO A 198 24.31 -7.19 30.85
N SER A 199 23.40 -7.05 29.89
CA SER A 199 23.40 -7.93 28.73
C SER A 199 24.61 -7.68 27.84
N ALA A 200 25.12 -6.45 27.80
CA ALA A 200 26.26 -6.15 26.94
C ALA A 200 27.57 -6.67 27.52
N PHE A 201 27.67 -6.76 28.85
CA PHE A 201 28.90 -7.20 29.49
C PHE A 201 29.01 -8.71 29.59
N ILE A 202 27.89 -9.42 29.76
CA ILE A 202 27.96 -10.88 29.75
C ILE A 202 28.16 -11.39 28.32
N SER A 203 27.67 -10.65 27.33
CA SER A 203 27.94 -11.01 25.94
C SER A 203 29.41 -10.81 25.61
N LEU A 204 30.03 -9.78 26.19
CA LEU A 204 31.45 -9.56 25.98
C LEU A 204 32.29 -10.68 26.59
N GLY A 205 31.89 -11.15 27.77
CA GLY A 205 32.63 -12.23 28.41
C GLY A 205 32.43 -13.56 27.72
N THR A 206 31.19 -13.86 27.31
CA THR A 206 30.92 -15.12 26.63
C THR A 206 31.61 -15.17 25.26
N LEU A 207 31.82 -14.02 24.62
CA LEU A 207 32.56 -14.00 23.37
C LEU A 207 33.98 -14.50 23.57
N PHE A 208 34.63 -14.06 24.64
CA PHE A 208 35.95 -14.59 24.98
C PHE A 208 35.86 -16.08 25.31
N VAL A 209 34.77 -16.49 25.95
CA VAL A 209 34.55 -17.92 26.19
C VAL A 209 34.23 -18.61 24.87
N HIS A 210 33.52 -17.94 23.96
CA HIS A 210 33.19 -18.54 22.67
C HIS A 210 34.44 -18.72 21.81
N ILE A 211 35.28 -17.68 21.73
CA ILE A 211 36.50 -17.77 20.93
C ILE A 211 37.44 -18.81 21.51
N LEU A 212 37.53 -18.89 22.84
CA LEU A 212 38.42 -19.86 23.47
C LEU A 212 37.91 -21.27 23.30
N LEU A 213 36.62 -21.50 23.54
CA LEU A 213 36.08 -22.85 23.47
C LEU A 213 36.04 -23.36 22.03
N SER A 214 35.66 -22.49 21.08
CA SER A 214 35.68 -22.89 19.67
C SER A 214 37.09 -23.20 19.20
N TRP A 215 38.09 -22.56 19.79
CA TRP A 215 39.47 -22.89 19.45
C TRP A 215 39.90 -24.23 20.04
N VAL A 216 39.37 -24.59 21.21
CA VAL A 216 39.72 -25.87 21.81
C VAL A 216 38.95 -27.01 21.14
N VAL A 217 37.69 -26.76 20.77
CA VAL A 217 36.87 -27.82 20.21
C VAL A 217 37.30 -28.14 18.79
N VAL A 218 37.67 -27.13 18.02
CA VAL A 218 38.02 -27.32 16.61
C VAL A 218 39.48 -27.76 16.45
N TYR A 219 40.41 -27.02 17.05
CA TYR A 219 41.82 -27.26 16.81
C TYR A 219 42.36 -28.45 17.60
N LYS A 220 41.86 -28.67 18.81
CA LYS A 220 42.37 -29.73 19.68
C LYS A 220 41.45 -30.93 19.78
N ILE A 221 40.14 -30.73 19.91
CA ILE A 221 39.23 -31.87 19.98
C ILE A 221 39.00 -32.45 18.59
N GLY A 222 38.92 -31.60 17.57
CA GLY A 222 38.75 -32.07 16.21
C GLY A 222 37.33 -32.43 15.84
N LEU A 223 36.34 -31.80 16.46
CA LEU A 223 34.95 -32.09 16.14
C LEU A 223 34.53 -31.52 14.78
N GLY A 224 35.38 -30.74 14.14
CA GLY A 224 35.06 -30.23 12.81
C GLY A 224 34.04 -29.11 12.85
N LEU A 225 33.36 -28.95 11.71
CA LEU A 225 32.35 -27.91 11.58
C LEU A 225 31.12 -28.18 12.43
N LEU A 226 30.88 -29.44 12.81
CA LEU A 226 29.76 -29.73 13.70
C LEU A 226 29.99 -29.14 15.08
N GLY A 227 31.17 -29.38 15.66
CA GLY A 227 31.50 -28.79 16.94
C GLY A 227 31.60 -27.28 16.88
N ALA A 228 31.97 -26.73 15.73
CA ALA A 228 32.04 -25.29 15.58
C ALA A 228 30.68 -24.63 15.75
N SER A 229 29.64 -25.24 15.16
CA SER A 229 28.28 -24.73 15.33
C SER A 229 27.70 -25.07 16.70
N LEU A 230 28.19 -26.15 17.32
CA LEU A 230 27.72 -26.50 18.65
C LEU A 230 28.26 -25.53 19.71
N VAL A 231 29.51 -25.08 19.55
CA VAL A 231 30.06 -24.09 20.45
C VAL A 231 29.29 -22.77 20.33
N LEU A 232 28.87 -22.43 19.11
CA LEU A 232 28.03 -21.25 18.93
C LEU A 232 26.71 -21.40 19.67
N SER A 233 26.04 -22.54 19.48
CA SER A 233 24.79 -22.79 20.22
C SER A 233 25.04 -22.87 21.71
N PHE A 234 26.19 -23.40 22.13
CA PHE A 234 26.52 -23.45 23.55
C PHE A 234 26.73 -22.05 24.11
N SER A 235 27.50 -21.22 23.41
CA SER A 235 27.74 -19.86 23.87
C SER A 235 26.45 -19.04 23.93
N TRP A 236 25.51 -19.31 23.03
CA TRP A 236 24.22 -18.65 23.10
C TRP A 236 23.43 -19.07 24.34
N TRP A 237 23.67 -20.28 24.84
CA TRP A 237 23.03 -20.70 26.08
C TRP A 237 23.76 -20.20 27.32
N ILE A 238 24.98 -19.69 27.17
CA ILE A 238 25.65 -19.09 28.31
C ILE A 238 25.09 -17.72 28.61
N ILE A 239 24.75 -16.94 27.57
CA ILE A 239 24.13 -15.64 27.80
C ILE A 239 22.68 -15.79 28.21
N VAL A 240 22.05 -16.92 27.90
CA VAL A 240 20.68 -17.17 28.36
C VAL A 240 20.69 -17.46 29.86
N VAL A 241 21.61 -18.31 30.31
CA VAL A 241 21.73 -18.60 31.74
C VAL A 241 22.22 -17.37 32.48
N ALA A 242 23.18 -16.63 31.91
CA ALA A 242 23.69 -15.44 32.58
C ALA A 242 22.61 -14.37 32.73
N GLN A 243 21.72 -14.25 31.74
CA GLN A 243 20.65 -13.27 31.84
C GLN A 243 19.59 -13.69 32.84
N PHE A 244 19.36 -15.00 33.00
CA PHE A 244 18.34 -15.46 33.93
C PHE A 244 18.84 -15.44 35.37
N ILE A 245 20.12 -15.74 35.59
CA ILE A 245 20.66 -15.66 36.95
C ILE A 245 20.83 -14.21 37.38
N TYR A 246 20.80 -13.26 36.44
CA TYR A 246 20.82 -11.85 36.81
C TYR A 246 19.49 -11.43 37.43
N ILE A 247 18.39 -11.66 36.72
CA ILE A 247 17.08 -11.26 37.20
C ILE A 247 16.72 -11.97 38.50
N LEU A 248 17.37 -13.09 38.80
CA LEU A 248 17.15 -13.76 40.08
C LEU A 248 17.92 -13.07 41.21
N LYS A 249 19.07 -12.46 40.90
CA LYS A 249 19.87 -11.77 41.90
C LYS A 249 19.79 -10.26 41.79
N SER A 250 19.29 -9.72 40.69
CA SER A 250 19.22 -8.27 40.54
C SER A 250 18.18 -7.67 41.47
N GLU A 251 18.46 -6.47 41.95
CA GLU A 251 17.53 -5.75 42.81
C GLU A 251 16.48 -4.99 42.00
N ARG A 252 16.81 -4.56 40.79
CA ARG A 252 15.85 -3.91 39.91
C ARG A 252 14.86 -4.90 39.28
N CYS A 253 15.06 -6.19 39.50
CA CYS A 253 14.18 -7.22 38.95
C CYS A 253 13.39 -7.95 40.02
N LYS A 254 13.47 -7.50 41.28
CA LYS A 254 12.69 -8.14 42.34
C LYS A 254 11.23 -7.72 42.33
N ALA A 255 10.92 -6.56 41.76
CA ALA A 255 9.53 -6.17 41.56
C ALA A 255 8.98 -6.67 40.23
N THR A 256 9.84 -6.86 39.23
CA THR A 256 9.41 -7.25 37.90
C THR A 256 9.40 -8.76 37.67
N TRP A 257 10.16 -9.52 38.46
CA TRP A 257 10.18 -10.98 38.37
C TRP A 257 9.69 -11.56 39.69
N ALA A 258 8.42 -11.96 39.74
CA ALA A 258 7.84 -12.57 40.92
C ALA A 258 8.08 -14.08 40.98
N GLY A 259 8.68 -14.65 39.96
CA GLY A 259 8.93 -16.09 39.90
C GLY A 259 8.08 -16.76 38.84
N PHE A 260 8.22 -18.08 38.78
CA PHE A 260 7.46 -18.88 37.83
C PHE A 260 6.00 -18.94 38.25
N ARG A 261 5.10 -18.79 37.28
CA ARG A 261 3.68 -18.69 37.54
C ARG A 261 2.90 -19.51 36.53
N TRP A 262 1.85 -20.21 37.00
CA TRP A 262 1.03 -21.03 36.11
C TRP A 262 0.19 -20.19 35.17
N GLU A 263 0.01 -18.90 35.45
CA GLU A 263 -0.77 -18.03 34.58
C GLU A 263 -0.12 -17.83 33.21
N ALA A 264 1.14 -18.21 33.05
CA ALA A 264 1.80 -18.06 31.76
C ALA A 264 1.18 -18.96 30.70
N PHE A 265 0.58 -20.08 31.11
CA PHE A 265 -0.07 -20.99 30.18
C PHE A 265 -1.44 -20.48 29.72
N SER A 266 -1.97 -19.46 30.37
CA SER A 266 -3.30 -18.94 30.04
C SER A 266 -3.17 -17.83 28.99
N GLY A 267 -4.00 -17.90 27.97
CA GLY A 267 -3.99 -16.88 26.93
C GLY A 267 -2.79 -16.95 26.01
N LEU A 268 -2.36 -18.16 25.64
CA LEU A 268 -1.26 -18.28 24.70
C LEU A 268 -1.64 -17.80 23.31
N TRP A 269 -2.91 -17.94 22.94
CA TRP A 269 -3.23 -17.70 21.55
C TRP A 269 -3.29 -16.18 21.34
N GLN A 270 -3.60 -15.47 22.42
CA GLN A 270 -3.62 -14.00 22.42
C GLN A 270 -2.23 -13.44 22.14
N PHE A 271 -1.19 -14.03 22.74
CA PHE A 271 0.17 -13.61 22.44
C PHE A 271 0.55 -13.95 21.01
N VAL A 272 -0.09 -14.97 20.44
CA VAL A 272 0.21 -15.37 19.06
C VAL A 272 -0.33 -14.34 18.09
N LYS A 273 -1.54 -13.82 18.33
CA LYS A 273 -2.17 -12.92 17.38
C LYS A 273 -1.43 -11.58 17.30
N LEU A 274 -1.02 -11.04 18.44
CA LEU A 274 -0.35 -9.74 18.45
C LEU A 274 1.04 -9.83 17.83
N SER A 275 1.76 -10.93 18.09
CA SER A 275 3.12 -11.08 17.60
C SER A 275 3.18 -11.64 16.18
N ALA A 276 2.06 -12.11 15.62
CA ALA A 276 2.09 -12.69 14.29
C ALA A 276 2.37 -11.65 13.22
N GLY A 277 2.06 -10.38 13.49
CA GLY A 277 2.29 -9.35 12.49
C GLY A 277 3.77 -9.11 12.24
N SER A 278 4.55 -9.00 13.32
CA SER A 278 5.98 -8.72 13.17
C SER A 278 6.76 -9.92 12.66
N ALA A 279 6.25 -11.13 12.85
CA ALA A 279 6.98 -12.32 12.42
C ALA A 279 6.96 -12.45 10.90
N VAL A 280 5.81 -12.24 10.26
CA VAL A 280 5.73 -12.34 8.81
C VAL A 280 6.50 -11.20 8.16
N MET A 281 6.60 -10.06 8.83
CA MET A 281 7.30 -8.91 8.26
C MET A 281 8.79 -9.16 8.10
N LEU A 282 9.37 -10.02 8.94
CA LEU A 282 10.81 -10.26 8.91
C LEU A 282 11.19 -11.39 7.96
N CYS A 283 10.51 -12.53 8.03
CA CYS A 283 10.83 -13.64 7.15
C CYS A 283 10.58 -13.28 5.69
N LEU A 284 9.52 -12.53 5.43
CA LEU A 284 9.27 -12.06 4.06
C LEU A 284 10.34 -11.06 3.64
N GLU A 285 10.76 -10.18 4.54
CA GLU A 285 11.83 -9.24 4.22
C GLU A 285 13.15 -9.98 4.03
N THR A 286 13.37 -11.05 4.81
CA THR A 286 14.54 -11.90 4.58
C THR A 286 14.50 -12.50 3.18
N TRP A 287 13.32 -12.94 2.74
CA TRP A 287 13.15 -13.40 1.37
C TRP A 287 13.08 -12.24 0.39
N TYR A 288 12.56 -11.09 0.81
CA TYR A 288 12.47 -9.93 -0.08
C TYR A 288 13.85 -9.51 -0.56
N PHE A 289 14.79 -9.32 0.37
CA PHE A 289 16.16 -9.06 -0.02
C PHE A 289 16.76 -10.24 -0.79
N GLN A 290 16.40 -11.46 -0.37
CA GLN A 290 16.88 -12.65 -1.07
C GLN A 290 16.29 -12.73 -2.47
N ILE A 291 15.04 -12.30 -2.64
CA ILE A 291 14.44 -12.27 -3.97
C ILE A 291 15.09 -11.18 -4.82
N LEU A 292 15.39 -10.03 -4.21
CA LEU A 292 16.09 -8.97 -4.93
C LEU A 292 17.47 -9.42 -5.39
N VAL A 293 18.14 -10.26 -4.61
CA VAL A 293 19.42 -10.82 -5.03
C VAL A 293 19.22 -11.82 -6.16
N LEU A 294 18.20 -12.69 -6.03
CA LEU A 294 17.93 -13.67 -7.07
C LEU A 294 17.47 -12.99 -8.36
N LEU A 295 16.64 -11.96 -8.25
CA LEU A 295 16.20 -11.24 -9.43
C LEU A 295 17.37 -10.53 -10.13
N SER A 296 18.34 -10.05 -9.34
CA SER A 296 19.52 -9.44 -9.94
C SER A 296 20.31 -10.44 -10.77
N GLY A 297 20.21 -11.72 -10.46
CA GLY A 297 20.82 -12.75 -11.28
C GLY A 297 20.13 -12.96 -12.61
N LEU A 298 18.87 -12.52 -12.73
CA LEU A 298 18.13 -12.63 -13.98
C LEU A 298 18.29 -11.42 -14.88
N LEU A 299 18.85 -10.32 -14.37
CA LEU A 299 19.11 -9.16 -15.19
C LEU A 299 20.17 -9.47 -16.25
N LYS A 300 20.20 -8.63 -17.28
CA LYS A 300 21.25 -8.74 -18.28
C LYS A 300 22.58 -8.31 -17.67
N ASN A 301 23.63 -9.10 -17.94
CA ASN A 301 24.91 -8.97 -17.28
C ASN A 301 24.75 -9.03 -15.77
N PRO A 302 24.34 -10.17 -15.21
CA PRO A 302 24.26 -10.31 -13.76
C PRO A 302 25.61 -10.60 -13.11
N GLU A 303 26.67 -10.66 -13.91
CA GLU A 303 27.99 -10.96 -13.40
C GLU A 303 28.49 -9.87 -12.46
N ILE A 304 28.21 -8.62 -12.79
CA ILE A 304 28.58 -7.50 -11.93
C ILE A 304 27.40 -6.97 -11.11
N ALA A 305 26.16 -7.28 -11.50
CA ALA A 305 25.02 -6.81 -10.74
C ALA A 305 24.89 -7.55 -9.41
N LEU A 306 25.37 -8.78 -9.33
CA LEU A 306 25.30 -9.53 -8.08
C LEU A 306 26.36 -9.05 -7.09
N ALA A 307 27.54 -8.67 -7.58
CA ALA A 307 28.60 -8.22 -6.69
C ALA A 307 28.37 -6.80 -6.19
N SER A 308 27.92 -5.91 -7.08
CA SER A 308 27.71 -4.51 -6.69
C SER A 308 26.57 -4.38 -5.70
N ILE A 309 25.45 -5.08 -5.93
CA ILE A 309 24.32 -5.01 -5.01
C ILE A 309 24.69 -5.65 -3.68
N SER A 310 25.46 -6.74 -3.70
CA SER A 310 25.89 -7.36 -2.45
C SER A 310 26.80 -6.44 -1.65
N VAL A 311 27.61 -5.63 -2.33
CA VAL A 311 28.48 -4.69 -1.62
C VAL A 311 27.64 -3.58 -0.98
N CYS A 312 26.70 -3.02 -1.75
CA CYS A 312 25.87 -1.94 -1.22
C CYS A 312 24.96 -2.44 -0.10
N LEU A 313 24.45 -3.66 -0.22
CA LEU A 313 23.59 -4.20 0.82
C LEU A 313 24.38 -4.62 2.05
N ALA A 314 25.63 -5.08 1.86
CA ALA A 314 26.48 -5.35 3.00
C ALA A 314 26.82 -4.07 3.76
N VAL A 315 27.08 -2.98 3.03
CA VAL A 315 27.23 -1.67 3.67
C VAL A 315 25.91 -1.27 4.31
N ASN A 316 24.79 -1.51 3.62
CA ASN A 316 23.48 -1.26 4.22
C ASN A 316 23.26 -2.14 5.44
N GLY A 317 23.72 -3.38 5.39
CA GLY A 317 23.57 -4.25 6.55
C GLY A 317 24.46 -3.85 7.71
N LEU A 318 25.68 -3.39 7.41
CA LEU A 318 26.58 -2.93 8.46
C LEU A 318 26.10 -1.61 9.06
N MET A 319 25.53 -0.73 8.23
CA MET A 319 24.94 0.50 8.75
C MET A 319 23.63 0.22 9.48
N PHE A 320 22.93 -0.86 9.12
CA PHE A 320 21.70 -1.23 9.80
C PHE A 320 21.94 -1.64 11.24
N MET A 321 23.17 -2.01 11.59
CA MET A 321 23.47 -2.41 12.97
C MET A 321 23.37 -1.23 13.92
N VAL A 322 23.62 -0.02 13.43
CA VAL A 322 23.46 1.16 14.27
C VAL A 322 21.99 1.53 14.41
N ALA A 323 21.19 1.27 13.37
CA ALA A 323 19.78 1.66 13.40
C ALA A 323 18.97 0.81 14.37
N VAL A 324 19.39 -0.44 14.61
CA VAL A 324 18.64 -1.29 15.52
C VAL A 324 18.77 -0.82 16.97
N GLY A 325 19.83 -0.08 17.29
CA GLY A 325 19.93 0.49 18.62
C GLY A 325 18.91 1.59 18.86
N PHE A 326 18.69 2.44 17.85
CA PHE A 326 17.64 3.45 17.94
C PHE A 326 16.26 2.80 17.86
N ASN A 327 16.15 1.65 17.21
CA ASN A 327 14.88 0.92 17.18
C ASN A 327 14.51 0.43 18.57
N ALA A 328 15.47 -0.11 19.32
CA ALA A 328 15.19 -0.59 20.66
C ALA A 328 14.88 0.59 21.59
N ALA A 329 15.56 1.72 21.39
CA ALA A 329 15.34 2.89 22.25
C ALA A 329 13.96 3.49 21.99
N ALA A 330 13.61 3.68 20.72
CA ALA A 330 12.30 4.25 20.39
C ALA A 330 11.17 3.34 20.85
N SER A 331 11.42 2.03 20.92
CA SER A 331 10.38 1.10 21.33
C SER A 331 10.09 1.21 22.82
N VAL A 332 11.15 1.19 23.64
CA VAL A 332 10.94 1.22 25.08
C VAL A 332 10.46 2.59 25.54
N ARG A 333 10.93 3.66 24.90
CA ARG A 333 10.50 5.00 25.29
C ARG A 333 9.00 5.18 25.10
N VAL A 334 8.49 4.85 23.91
CA VAL A 334 7.06 4.97 23.65
C VAL A 334 6.29 4.00 24.54
N SER A 335 6.83 2.79 24.75
CA SER A 335 6.15 1.82 25.59
C SER A 335 6.08 2.29 27.04
N ASN A 336 7.21 2.82 27.56
CA ASN A 336 7.22 3.27 28.94
C ASN A 336 6.38 4.54 29.13
N GLU A 337 6.25 5.35 28.08
CA GLU A 337 5.47 6.58 28.21
C GLU A 337 3.98 6.34 28.02
N LEU A 338 3.62 5.45 27.08
CA LEU A 338 2.21 5.12 26.91
C LEU A 338 1.66 4.37 28.11
N GLY A 339 2.50 3.59 28.79
CA GLY A 339 2.07 2.92 30.00
C GLY A 339 1.99 3.84 31.20
N ALA A 340 2.88 4.84 31.28
CA ALA A 340 2.88 5.81 32.35
C ALA A 340 1.97 7.00 32.06
N ALA A 341 1.20 6.95 30.97
CA ALA A 341 0.24 7.99 30.61
C ALA A 341 0.92 9.34 30.41
N HIS A 342 2.01 9.33 29.64
CA HIS A 342 2.70 10.56 29.25
C HIS A 342 2.56 10.75 27.74
N PRO A 343 1.46 11.32 27.26
CA PRO A 343 1.27 11.41 25.81
C PRO A 343 2.20 12.42 25.15
N LYS A 344 2.41 13.58 25.77
CA LYS A 344 3.30 14.57 25.20
C LYS A 344 4.75 14.10 25.20
N SER A 345 5.15 13.32 26.22
CA SER A 345 6.49 12.76 26.23
C SER A 345 6.66 11.71 25.14
N ALA A 346 5.59 10.97 24.83
CA ALA A 346 5.66 10.01 23.73
C ALA A 346 5.75 10.72 22.39
N ALA A 347 4.98 11.78 22.20
CA ALA A 347 5.05 12.54 20.95
C ALA A 347 6.39 13.22 20.80
N PHE A 348 7.08 13.52 21.90
CA PHE A 348 8.39 14.13 21.83
C PHE A 348 9.49 13.09 21.63
N SER A 349 9.35 11.92 22.28
CA SER A 349 10.33 10.86 22.08
C SER A 349 10.31 10.36 20.64
N VAL A 350 9.12 10.26 20.04
CA VAL A 350 9.04 9.90 18.63
C VAL A 350 9.76 10.92 17.77
N PHE A 351 9.60 12.21 18.09
CA PHE A 351 10.28 13.25 17.34
C PHE A 351 11.78 13.24 17.61
N MET A 352 12.18 13.07 18.87
CA MET A 352 13.59 13.16 19.22
C MET A 352 14.39 11.98 18.67
N VAL A 353 13.85 10.77 18.79
CA VAL A 353 14.53 9.60 18.23
C VAL A 353 14.66 9.74 16.71
N THR A 354 13.59 10.20 16.07
CA THR A 354 13.61 10.33 14.61
C THR A 354 14.65 11.35 14.16
N PHE A 355 14.77 12.47 14.87
CA PHE A 355 15.70 13.51 14.47
C PHE A 355 17.14 13.08 14.68
N ILE A 356 17.45 12.50 15.84
CA ILE A 356 18.82 12.09 16.13
C ILE A 356 19.24 10.95 15.21
N SER A 357 18.32 10.02 14.94
CA SER A 357 18.63 8.93 14.02
C SER A 357 18.73 9.44 12.58
N PHE A 358 18.02 10.52 12.25
CA PHE A 358 18.12 11.09 10.91
C PHE A 358 19.46 11.76 10.71
N LEU A 359 19.99 12.44 11.73
CA LEU A 359 21.30 13.04 11.64
C LEU A 359 22.40 11.99 11.56
N ILE A 360 22.20 10.84 12.21
CA ILE A 360 23.16 9.75 12.11
C ILE A 360 23.16 9.17 10.70
N ALA A 361 21.96 9.00 10.11
CA ALA A 361 21.88 8.49 8.74
C ALA A 361 22.50 9.47 7.74
N VAL A 362 22.47 10.76 8.06
CA VAL A 362 23.14 11.75 7.21
C VAL A 362 24.65 11.55 7.25
N VAL A 363 25.19 11.32 8.45
CA VAL A 363 26.63 11.08 8.59
C VAL A 363 27.02 9.78 7.89
N GLU A 364 26.15 8.78 7.94
CA GLU A 364 26.42 7.52 7.25
C GLU A 364 26.50 7.71 5.74
N ALA A 365 25.63 8.57 5.21
CA ALA A 365 25.65 8.84 3.77
C ALA A 365 26.88 9.65 3.36
N ILE A 366 27.37 10.50 4.27
CA ILE A 366 28.54 11.32 3.94
C ILE A 366 29.79 10.44 3.84
N ILE A 367 29.94 9.49 4.75
CA ILE A 367 31.13 8.64 4.74
C ILE A 367 31.13 7.73 3.52
N VAL A 368 29.96 7.23 3.11
CA VAL A 368 29.89 6.34 1.96
C VAL A 368 30.21 7.10 0.68
N LEU A 369 29.68 8.32 0.54
CA LEU A 369 29.97 9.10 -0.66
C LEU A 369 31.43 9.51 -0.74
N SER A 370 32.08 9.74 0.42
CA SER A 370 33.48 10.13 0.41
C SER A 370 34.39 8.95 0.08
N LEU A 371 33.98 7.74 0.45
CA LEU A 371 34.76 6.52 0.20
C LEU A 371 34.07 5.61 -0.80
N ARG A 372 33.47 6.20 -1.84
CA ARG A 372 32.70 5.42 -2.80
C ARG A 372 33.58 4.45 -3.59
N ASN A 373 34.83 4.82 -3.83
CA ASN A 373 35.75 3.95 -4.55
C ASN A 373 36.45 2.94 -3.65
N VAL A 374 36.59 3.25 -2.36
CA VAL A 374 37.34 2.40 -1.46
C VAL A 374 36.48 1.27 -0.88
N ILE A 375 35.20 1.54 -0.63
CA ILE A 375 34.35 0.54 0.03
C ILE A 375 34.18 -0.70 -0.85
N SER A 376 34.21 -0.52 -2.17
CA SER A 376 34.02 -1.66 -3.06
C SER A 376 35.21 -2.60 -3.00
N TYR A 377 36.44 -2.06 -2.99
CA TYR A 377 37.63 -2.88 -2.91
C TYR A 377 37.74 -3.63 -1.59
N ALA A 378 37.08 -3.13 -0.53
CA ALA A 378 37.16 -3.79 0.77
C ALA A 378 36.45 -5.14 0.75
N PHE A 379 35.32 -5.23 0.03
CA PHE A 379 34.59 -6.49 -0.05
C PHE A 379 35.16 -7.40 -1.13
N THR A 380 35.52 -6.84 -2.28
CA THR A 380 36.11 -7.60 -3.37
C THR A 380 36.93 -6.65 -4.24
N GLU A 381 38.13 -7.09 -4.63
CA GLU A 381 39.04 -6.24 -5.40
C GLU A 381 38.68 -6.35 -6.87
N GLY A 382 37.87 -5.41 -7.34
CA GLY A 382 37.50 -5.35 -8.75
C GLY A 382 37.41 -3.94 -9.26
N GLU A 383 38.11 -3.65 -10.36
CA GLU A 383 38.15 -2.28 -10.87
C GLU A 383 36.82 -1.88 -11.49
N VAL A 384 36.21 -2.76 -12.29
CA VAL A 384 34.91 -2.43 -12.86
C VAL A 384 33.83 -2.52 -11.80
N VAL A 385 34.06 -3.31 -10.75
CA VAL A 385 33.09 -3.38 -9.65
C VAL A 385 33.13 -2.09 -8.83
N ALA A 386 34.33 -1.50 -8.67
CA ALA A 386 34.44 -0.26 -7.92
C ALA A 386 33.70 0.88 -8.61
N LYS A 387 33.71 0.89 -9.96
CA LYS A 387 32.96 1.89 -10.69
C LYS A 387 31.46 1.71 -10.52
N GLU A 388 30.98 0.47 -10.61
CA GLU A 388 29.55 0.22 -10.51
C GLU A 388 29.05 0.49 -9.09
N VAL A 389 29.86 0.19 -8.08
CA VAL A 389 29.48 0.50 -6.70
C VAL A 389 29.44 2.01 -6.50
N SER A 390 30.43 2.73 -7.04
CA SER A 390 30.45 4.18 -6.92
C SER A 390 29.26 4.82 -7.64
N SER A 391 28.76 4.17 -8.69
CA SER A 391 27.58 4.69 -9.37
C SER A 391 26.31 4.47 -8.56
N LEU A 392 26.30 3.46 -7.70
CA LEU A 392 25.14 3.14 -6.87
C LEU A 392 25.23 3.76 -5.47
N CYS A 393 26.34 4.41 -5.14
CA CYS A 393 26.50 5.05 -3.85
C CYS A 393 25.53 6.21 -3.66
N PRO A 394 25.28 7.05 -4.67
CA PRO A 394 24.18 8.03 -4.53
C PRO A 394 22.84 7.38 -4.24
N TYR A 395 22.56 6.23 -4.84
CA TYR A 395 21.34 5.49 -4.52
C TYR A 395 21.45 4.84 -3.15
N LEU A 396 22.64 4.32 -2.81
CA LEU A 396 22.83 3.71 -1.50
C LEU A 396 22.73 4.75 -0.39
N ALA A 397 23.20 5.97 -0.64
CA ALA A 397 23.10 7.03 0.35
C ALA A 397 21.64 7.36 0.65
N VAL A 398 20.78 7.30 -0.36
CA VAL A 398 19.36 7.52 -0.13
C VAL A 398 18.77 6.39 0.71
N THR A 399 19.19 5.15 0.44
CA THR A 399 18.73 4.02 1.24
C THR A 399 19.24 4.10 2.68
N LEU A 400 20.45 4.65 2.87
CA LEU A 400 20.96 4.81 4.22
C LEU A 400 20.15 5.85 5.00
N ILE A 401 19.80 6.96 4.36
CA ILE A 401 18.96 7.95 5.02
C ILE A 401 17.57 7.39 5.27
N LEU A 402 17.03 6.62 4.33
CA LEU A 402 15.75 5.96 4.54
C LEU A 402 15.83 4.92 5.66
N ASN A 403 16.98 4.26 5.81
CA ASN A 403 17.17 3.30 6.88
C ASN A 403 17.50 3.96 8.21
N GLY A 404 17.49 5.29 8.28
CA GLY A 404 17.64 6.02 9.51
C GLY A 404 16.36 6.61 10.04
N ILE A 405 15.24 6.39 9.36
CA ILE A 405 13.94 6.92 9.78
C ILE A 405 12.93 5.79 9.79
N GLN A 406 13.07 4.84 8.86
CA GLN A 406 12.14 3.71 8.82
C GLN A 406 12.19 2.85 10.07
N PRO A 407 13.36 2.41 10.57
CA PRO A 407 13.33 1.54 11.77
C PRO A 407 12.89 2.27 13.03
N VAL A 408 13.14 3.57 13.15
CA VAL A 408 12.70 4.28 14.35
C VAL A 408 11.20 4.54 14.31
N LEU A 409 10.63 4.73 13.12
CA LEU A 409 9.17 4.79 13.01
C LEU A 409 8.53 3.43 13.17
N SER A 410 9.26 2.35 12.89
CA SER A 410 8.75 1.02 13.19
C SER A 410 8.90 0.66 14.66
N GLY A 411 9.89 1.25 15.34
CA GLY A 411 10.06 0.99 16.76
C GLY A 411 8.98 1.64 17.59
N VAL A 412 8.60 2.88 17.26
CA VAL A 412 7.49 3.52 17.95
C VAL A 412 6.16 2.88 17.61
N ALA A 413 6.06 2.23 16.45
CA ALA A 413 4.83 1.52 16.11
C ALA A 413 4.71 0.23 16.91
N VAL A 414 5.83 -0.42 17.24
CA VAL A 414 5.79 -1.57 18.14
C VAL A 414 5.33 -1.14 19.52
N GLY A 415 5.87 -0.02 20.01
CA GLY A 415 5.47 0.47 21.33
C GLY A 415 4.00 0.82 21.42
N CYS A 416 3.39 1.20 20.32
CA CYS A 416 1.96 1.48 20.27
C CYS A 416 1.11 0.28 19.92
N GLY A 417 1.74 -0.87 19.63
CA GLY A 417 0.99 -2.04 19.23
C GLY A 417 0.52 -2.03 17.80
N TRP A 418 1.07 -1.18 16.95
CA TRP A 418 0.71 -1.07 15.55
C TRP A 418 1.37 -2.13 14.67
N GLN A 419 1.80 -3.26 15.26
CA GLN A 419 2.58 -4.24 14.50
C GLN A 419 1.79 -4.80 13.34
N ALA A 420 0.47 -4.96 13.49
CA ALA A 420 -0.34 -5.48 12.39
C ALA A 420 -0.48 -4.44 11.28
N PHE A 421 -0.64 -3.17 11.65
CA PHE A 421 -0.80 -2.12 10.64
C PHE A 421 0.48 -1.90 9.86
N VAL A 422 1.64 -1.97 10.53
CA VAL A 422 2.91 -1.77 9.86
C VAL A 422 3.25 -2.97 8.99
N ALA A 423 2.91 -4.18 9.45
CA ALA A 423 3.18 -5.38 8.66
C ALA A 423 2.42 -5.34 7.34
N TYR A 424 1.18 -4.86 7.35
CA TYR A 424 0.42 -4.73 6.11
C TYR A 424 1.05 -3.71 5.18
N VAL A 425 1.56 -2.60 5.74
CA VAL A 425 2.16 -1.55 4.92
C VAL A 425 3.50 -2.01 4.38
N ASN A 426 4.31 -2.68 5.21
CA ASN A 426 5.65 -3.08 4.79
C ASN A 426 5.58 -4.13 3.69
N VAL A 427 4.73 -5.15 3.86
CA VAL A 427 4.60 -6.19 2.84
C VAL A 427 4.02 -5.60 1.56
N GLY A 428 3.06 -4.68 1.70
CA GLY A 428 2.48 -4.06 0.52
C GLY A 428 3.45 -3.15 -0.22
N CYS A 429 4.29 -2.44 0.53
CA CYS A 429 5.29 -1.57 -0.10
C CYS A 429 6.45 -2.36 -0.67
N TYR A 430 6.83 -3.46 -0.02
CA TYR A 430 7.93 -4.29 -0.53
C TYR A 430 7.48 -5.13 -1.73
N TYR A 431 6.52 -6.03 -1.51
CA TYR A 431 6.16 -6.99 -2.54
C TYR A 431 5.18 -6.42 -3.56
N GLY A 432 4.29 -5.52 -3.13
CA GLY A 432 3.28 -4.99 -4.03
C GLY A 432 3.74 -3.79 -4.84
N VAL A 433 4.69 -3.02 -4.31
CA VAL A 433 5.17 -1.79 -4.94
C VAL A 433 6.65 -1.89 -5.28
N GLY A 434 7.47 -2.36 -4.34
CA GLY A 434 8.91 -2.35 -4.55
C GLY A 434 9.35 -3.34 -5.60
N ILE A 435 8.89 -4.58 -5.51
CA ILE A 435 9.30 -5.65 -6.43
C ILE A 435 8.82 -5.37 -7.85
N PRO A 436 7.54 -5.02 -8.08
CA PRO A 436 7.13 -4.73 -9.47
C PRO A 436 7.82 -3.51 -10.05
N LEU A 437 8.11 -2.49 -9.23
CA LEU A 437 8.80 -1.32 -9.75
C LEU A 437 10.24 -1.64 -10.10
N GLY A 438 10.90 -2.48 -9.30
CA GLY A 438 12.27 -2.87 -9.62
C GLY A 438 12.39 -3.74 -10.85
N CYS A 439 11.38 -4.60 -11.08
CA CYS A 439 11.40 -5.45 -12.27
C CYS A 439 11.06 -4.65 -13.53
N LEU A 440 10.15 -3.67 -13.41
CA LEU A 440 9.81 -2.85 -14.56
C LEU A 440 10.98 -1.94 -14.96
N LEU A 441 11.60 -1.30 -13.98
CA LEU A 441 12.76 -0.46 -14.27
C LEU A 441 13.97 -1.30 -14.67
N GLY A 442 14.16 -2.44 -14.02
CA GLY A 442 15.31 -3.29 -14.29
C GLY A 442 15.22 -4.03 -15.61
N PHE A 443 14.16 -4.80 -15.80
CA PHE A 443 14.02 -5.62 -17.01
C PHE A 443 13.47 -4.81 -18.18
N LYS A 444 12.23 -4.33 -18.06
CA LYS A 444 11.56 -3.70 -19.19
C LYS A 444 12.26 -2.40 -19.60
N PHE A 445 12.58 -1.55 -18.62
CA PHE A 445 13.24 -0.29 -18.93
C PHE A 445 14.75 -0.43 -19.07
N ASP A 446 15.31 -1.61 -18.76
CA ASP A 446 16.73 -1.91 -18.96
C ASP A 446 17.63 -0.96 -18.17
N PHE A 447 17.20 -0.60 -16.96
CA PHE A 447 18.03 0.22 -16.08
C PHE A 447 18.98 -0.62 -15.23
N GLY A 448 18.86 -1.94 -15.27
CA GLY A 448 19.82 -2.79 -14.58
C GLY A 448 19.64 -2.75 -13.07
N ALA A 449 20.76 -2.79 -12.36
CA ALA A 449 20.71 -2.77 -10.90
C ALA A 449 20.21 -1.44 -10.37
N LYS A 450 20.43 -0.34 -11.12
CA LYS A 450 19.88 0.95 -10.72
C LYS A 450 18.36 0.92 -10.70
N GLY A 451 17.75 0.13 -11.59
CA GLY A 451 16.30 0.01 -11.57
C GLY A 451 15.79 -0.78 -10.39
N ILE A 452 16.55 -1.81 -9.98
CA ILE A 452 16.17 -2.59 -8.81
C ILE A 452 16.28 -1.75 -7.55
N TRP A 453 17.41 -1.04 -7.39
CA TRP A 453 17.61 -0.23 -6.20
C TRP A 453 16.62 0.93 -6.14
N THR A 454 16.28 1.50 -7.30
CA THR A 454 15.27 2.54 -7.33
C THR A 454 13.91 1.99 -6.89
N GLY A 455 13.57 0.79 -7.32
CA GLY A 455 12.34 0.16 -6.85
C GLY A 455 12.37 -0.13 -5.36
N MET A 456 13.53 -0.54 -4.84
CA MET A 456 13.65 -0.74 -3.40
C MET A 456 13.59 0.58 -2.66
N ILE A 457 14.19 1.64 -3.23
CA ILE A 457 14.06 2.96 -2.64
C ILE A 457 12.59 3.39 -2.65
N GLY A 458 11.94 3.30 -3.81
CA GLY A 458 10.55 3.71 -3.92
C GLY A 458 9.65 2.98 -2.93
N GLY A 459 9.96 1.70 -2.65
CA GLY A 459 9.20 0.98 -1.64
C GLY A 459 9.41 1.54 -0.25
N THR A 460 10.67 1.78 0.12
CA THR A 460 10.97 2.34 1.44
C THR A 460 10.45 3.77 1.56
N VAL A 461 10.50 4.53 0.46
CA VAL A 461 9.98 5.91 0.49
C VAL A 461 8.50 5.91 0.85
N MET A 462 7.70 5.11 0.13
CA MET A 462 6.26 5.08 0.39
C MET A 462 5.96 4.62 1.80
N GLN A 463 6.66 3.59 2.28
CA GLN A 463 6.45 3.10 3.64
C GLN A 463 6.70 4.20 4.65
N THR A 464 7.82 4.90 4.52
CA THR A 464 8.16 5.95 5.49
C THR A 464 7.17 7.10 5.44
N ILE A 465 6.73 7.48 4.24
CA ILE A 465 5.77 8.57 4.11
C ILE A 465 4.48 8.24 4.82
N ILE A 466 3.94 7.04 4.56
CA ILE A 466 2.69 6.61 5.21
C ILE A 466 2.86 6.62 6.72
N LEU A 467 3.94 6.02 7.22
CA LEU A 467 4.17 5.95 8.66
C LEU A 467 4.37 7.34 9.24
N LEU A 468 5.07 8.23 8.52
CA LEU A 468 5.35 9.55 9.04
C LEU A 468 4.07 10.36 9.21
N TRP A 469 3.20 10.36 8.20
CA TRP A 469 1.94 11.08 8.34
C TRP A 469 1.08 10.46 9.44
N VAL A 470 1.01 9.14 9.49
CA VAL A 470 0.21 8.46 10.51
C VAL A 470 0.74 8.77 11.89
N THR A 471 2.05 8.63 12.09
CA THR A 471 2.64 8.80 13.42
C THR A 471 2.48 10.23 13.91
N PHE A 472 2.70 11.21 13.05
CA PHE A 472 2.59 12.60 13.47
C PHE A 472 1.14 13.07 13.55
N SER A 473 0.23 12.42 12.83
CA SER A 473 -1.20 12.67 12.99
C SER A 473 -1.84 11.77 14.04
N THR A 474 -1.02 11.05 14.81
CA THR A 474 -1.54 10.15 15.83
C THR A 474 -2.08 10.93 17.01
N ASP A 475 -3.27 10.55 17.48
CA ASP A 475 -3.80 11.09 18.74
C ASP A 475 -3.15 10.31 19.87
N TRP A 476 -2.16 10.92 20.52
CA TRP A 476 -1.45 10.23 21.59
C TRP A 476 -2.31 10.09 22.84
N ASN A 477 -3.42 10.82 22.92
CA ASN A 477 -4.36 10.60 24.01
C ASN A 477 -5.10 9.27 23.85
N LYS A 478 -5.40 8.89 22.60
CA LYS A 478 -6.06 7.61 22.36
C LYS A 478 -5.10 6.44 22.48
N GLU A 479 -3.81 6.65 22.19
CA GLU A 479 -2.84 5.58 22.36
C GLU A 479 -2.60 5.27 23.84
N VAL A 480 -2.67 6.29 24.70
CA VAL A 480 -2.58 6.05 26.13
C VAL A 480 -3.79 5.26 26.61
N GLU A 481 -4.98 5.60 26.13
CA GLU A 481 -6.18 4.85 26.49
C GLU A 481 -6.11 3.43 25.93
N SER A 482 -5.61 3.27 24.71
CA SER A 482 -5.47 1.93 24.14
C SER A 482 -4.42 1.12 24.87
N ALA A 483 -3.42 1.78 25.46
CA ALA A 483 -2.44 1.07 26.28
C ALA A 483 -3.05 0.60 27.59
N ARG A 484 -4.00 1.36 28.14
CA ARG A 484 -4.68 0.93 29.36
C ARG A 484 -5.61 -0.24 29.08
N LYS A 485 -6.34 -0.19 27.96
CA LYS A 485 -7.21 -1.30 27.60
C LYS A 485 -6.42 -2.57 27.33
N ARG A 486 -5.26 -2.44 26.70
CA ARG A 486 -4.43 -3.61 26.42
C ARG A 486 -3.91 -4.23 27.71
N LEU A 487 -3.41 -3.39 28.63
CA LEU A 487 -2.88 -3.91 29.88
C LEU A 487 -3.98 -4.46 30.77
N ASP A 488 -5.16 -3.83 30.77
CA ASP A 488 -6.26 -4.30 31.60
C ASP A 488 -6.80 -5.64 31.11
N LYS A 489 -6.90 -5.81 29.79
CA LYS A 489 -7.43 -7.06 29.25
C LYS A 489 -6.47 -8.22 29.50
N TRP A 490 -5.16 -7.98 29.38
CA TRP A 490 -4.19 -9.03 29.66
C TRP A 490 -4.14 -9.38 31.14
N GLU A 491 -4.52 -8.43 32.00
CA GLU A 491 -4.57 -8.71 33.44
C GLU A 491 -5.79 -9.52 33.82
N ASN A 492 -6.87 -9.41 33.06
CA ASN A 492 -8.11 -10.13 33.38
C ASN A 492 -8.02 -11.59 32.96
N LEU A 493 -7.94 -11.85 31.66
CA LEU A 493 -7.89 -13.20 31.10
C LEU A 493 -9.10 -14.03 31.55
N ALA B 15 -25.47 2.61 16.70
CA ALA B 15 -26.37 3.77 16.71
C ALA B 15 -26.78 4.13 15.29
N ALA B 16 -27.46 5.28 15.15
CA ALA B 16 -27.91 5.76 13.85
C ALA B 16 -27.19 7.04 13.43
N ALA B 17 -26.12 7.42 14.12
CA ALA B 17 -25.34 8.58 13.71
C ALA B 17 -24.70 8.32 12.35
N HIS B 18 -24.76 9.32 11.47
CA HIS B 18 -24.29 9.17 10.10
C HIS B 18 -22.79 9.47 10.03
N GLY B 19 -22.05 8.57 9.38
CA GLY B 19 -20.65 8.76 9.13
C GLY B 19 -20.34 9.44 7.81
N GLY B 20 -21.36 9.77 7.02
CA GLY B 20 -21.13 10.40 5.74
C GLY B 20 -20.74 11.87 5.84
N SER B 21 -21.24 12.58 6.84
CA SER B 21 -20.94 13.99 7.02
C SER B 21 -20.37 14.22 8.42
N SER B 22 -19.38 15.11 8.49
CA SER B 22 -18.77 15.49 9.76
C SER B 22 -19.48 16.72 10.30
N GLU B 23 -19.97 16.62 11.54
CA GLU B 23 -20.57 17.79 12.18
C GLU B 23 -19.52 18.77 12.67
N LEU B 24 -18.24 18.37 12.67
CA LEU B 24 -17.17 19.17 13.23
C LEU B 24 -16.55 20.15 12.23
N GLU B 25 -16.51 19.79 10.94
CA GLU B 25 -15.72 20.55 9.99
C GLU B 25 -16.23 21.98 9.85
N GLU B 26 -17.54 22.18 9.79
CA GLU B 26 -18.07 23.54 9.77
C GLU B 26 -18.01 24.18 11.15
N VAL B 27 -18.14 23.38 12.22
CA VAL B 27 -17.89 23.90 13.56
C VAL B 27 -16.47 24.43 13.65
N LEU B 28 -15.50 23.68 13.13
CA LEU B 28 -14.13 24.15 13.11
C LEU B 28 -13.98 25.42 12.27
N SER B 29 -14.72 25.50 11.16
CA SER B 29 -14.62 26.68 10.31
C SER B 29 -15.27 27.89 10.95
N ASP B 30 -16.25 27.69 11.83
CA ASP B 30 -16.95 28.78 12.49
C ASP B 30 -16.50 29.01 13.92
N SER B 31 -15.65 28.15 14.46
CA SER B 31 -15.23 28.28 15.86
C SER B 31 -14.17 29.36 16.02
N GLN B 32 -13.90 29.71 17.27
CA GLN B 32 -12.86 30.67 17.63
C GLN B 32 -11.64 29.86 18.05
N LEU B 33 -10.75 29.62 17.10
CA LEU B 33 -9.56 28.80 17.32
C LEU B 33 -8.37 29.50 16.68
N PRO B 34 -7.15 29.17 17.10
CA PRO B 34 -5.97 29.72 16.43
C PRO B 34 -5.94 29.33 14.97
N TYR B 35 -5.23 30.15 14.18
CA TYR B 35 -5.24 29.98 12.73
C TYR B 35 -4.66 28.64 12.32
N PHE B 36 -3.49 28.29 12.86
CA PHE B 36 -2.83 27.05 12.46
C PHE B 36 -3.57 25.83 13.02
N ARG B 37 -4.03 25.91 14.27
CA ARG B 37 -4.71 24.76 14.87
C ARG B 37 -6.01 24.44 14.14
N ARG B 38 -6.75 25.46 13.72
CA ARG B 38 -7.94 25.24 12.92
C ARG B 38 -7.60 24.53 11.62
N LEU B 39 -6.57 25.03 10.91
CA LEU B 39 -6.16 24.41 9.66
C LEU B 39 -5.76 22.96 9.86
N ARG B 40 -5.01 22.67 10.91
CA ARG B 40 -4.52 21.31 11.14
C ARG B 40 -5.66 20.36 11.47
N TYR B 41 -6.57 20.77 12.36
CA TYR B 41 -7.67 19.89 12.75
C TYR B 41 -8.64 19.66 11.60
N ALA B 42 -9.00 20.73 10.87
CA ALA B 42 -9.92 20.57 9.75
C ALA B 42 -9.32 19.68 8.66
N SER B 43 -8.03 19.88 8.35
CA SER B 43 -7.38 19.06 7.33
C SER B 43 -7.30 17.61 7.76
N TRP B 44 -7.04 17.36 9.05
CA TRP B 44 -6.95 15.98 9.52
C TRP B 44 -8.32 15.30 9.49
N ILE B 45 -9.39 16.06 9.71
CA ILE B 45 -10.74 15.52 9.51
C ILE B 45 -10.99 15.23 8.04
N GLU B 46 -10.75 16.22 7.18
CA GLU B 46 -11.06 16.07 5.76
C GLU B 46 -10.31 14.89 5.14
N PHE B 47 -9.04 14.73 5.48
CA PHE B 47 -8.15 13.85 4.75
C PHE B 47 -8.04 12.47 5.39
N GLN B 48 -8.73 12.23 6.52
CA GLN B 48 -9.18 10.87 6.82
C GLN B 48 -10.47 10.55 6.09
N LEU B 49 -11.43 11.48 6.09
CA LEU B 49 -12.69 11.26 5.40
C LEU B 49 -12.45 11.07 3.90
N LEU B 50 -11.52 11.82 3.34
CA LEU B 50 -11.19 11.66 1.93
C LEU B 50 -10.53 10.30 1.66
N TYR B 51 -9.58 9.92 2.51
CA TYR B 51 -8.90 8.63 2.33
C TYR B 51 -9.88 7.47 2.44
N ARG B 52 -10.79 7.54 3.42
CA ARG B 52 -11.78 6.47 3.58
C ARG B 52 -12.65 6.33 2.33
N LEU B 53 -12.95 7.46 1.68
CA LEU B 53 -13.79 7.43 0.48
C LEU B 53 -12.98 7.14 -0.76
N ALA B 54 -11.81 7.77 -0.90
CA ALA B 54 -11.07 7.71 -2.17
C ALA B 54 -10.37 6.38 -2.37
N ALA B 55 -9.60 5.93 -1.37
CA ALA B 55 -8.73 4.77 -1.57
C ALA B 55 -9.51 3.51 -1.95
N PRO B 56 -10.60 3.14 -1.27
CA PRO B 56 -11.37 1.99 -1.78
C PRO B 56 -12.00 2.25 -3.13
N SER B 57 -12.42 3.49 -3.39
CA SER B 57 -13.04 3.82 -4.67
C SER B 57 -12.07 3.59 -5.83
N VAL B 58 -10.78 3.89 -5.62
CA VAL B 58 -9.79 3.60 -6.65
C VAL B 58 -9.61 2.10 -6.80
N ALA B 59 -9.70 1.36 -5.70
CA ALA B 59 -9.49 -0.09 -5.77
C ALA B 59 -10.61 -0.80 -6.53
N VAL B 60 -11.82 -0.25 -6.50
CA VAL B 60 -12.94 -0.91 -7.16
C VAL B 60 -12.81 -0.79 -8.68
N TYR B 61 -12.49 0.42 -9.17
CA TYR B 61 -12.46 0.64 -10.61
C TYR B 61 -11.26 -0.04 -11.27
N MET B 62 -10.14 -0.17 -10.55
CA MET B 62 -8.97 -0.82 -11.13
C MET B 62 -9.18 -2.32 -11.29
N ILE B 63 -9.96 -2.95 -10.39
CA ILE B 63 -10.21 -4.37 -10.51
C ILE B 63 -11.16 -4.65 -11.68
N ASN B 64 -12.16 -3.80 -11.87
CA ASN B 64 -13.11 -4.01 -12.96
C ASN B 64 -12.44 -3.87 -14.31
N ASN B 65 -11.61 -2.84 -14.49
CA ASN B 65 -10.87 -2.69 -15.74
C ASN B 65 -9.79 -3.75 -15.89
N ALA B 66 -9.29 -4.30 -14.77
CA ALA B 66 -8.36 -5.42 -14.87
C ALA B 66 -9.04 -6.64 -15.48
N MET B 67 -10.33 -6.83 -15.18
CA MET B 67 -11.08 -7.89 -15.84
C MET B 67 -11.21 -7.62 -17.33
N SER B 68 -11.38 -6.35 -17.71
CA SER B 68 -11.42 -6.01 -19.12
C SER B 68 -10.05 -6.19 -19.77
N MET B 69 -8.98 -5.91 -19.03
CA MET B 69 -7.64 -6.17 -19.54
C MET B 69 -7.30 -7.65 -19.52
N SER B 70 -7.79 -8.39 -18.51
CA SER B 70 -7.54 -9.82 -18.46
C SER B 70 -8.23 -10.55 -19.60
N THR B 71 -9.49 -10.21 -19.86
CA THR B 71 -10.20 -10.82 -20.99
C THR B 71 -9.63 -10.36 -22.32
N ARG B 72 -8.92 -9.23 -22.35
CA ARG B 72 -8.19 -8.84 -23.54
C ARG B 72 -6.90 -9.64 -23.69
N ILE B 73 -6.20 -9.88 -22.57
CA ILE B 73 -5.00 -10.69 -22.61
C ILE B 73 -5.34 -12.13 -22.97
N PHE B 74 -6.39 -12.68 -22.36
CA PHE B 74 -6.77 -14.07 -22.63
C PHE B 74 -7.28 -14.22 -24.06
N SER B 75 -8.11 -13.28 -24.53
CA SER B 75 -8.55 -13.33 -25.92
C SER B 75 -7.40 -13.06 -26.88
N GLY B 76 -6.42 -12.25 -26.45
CA GLY B 76 -5.21 -12.06 -27.23
C GLY B 76 -4.39 -13.31 -27.40
N GLN B 77 -4.51 -14.26 -26.47
CA GLN B 77 -3.82 -15.54 -26.62
C GLN B 77 -4.44 -16.38 -27.74
N LEU B 78 -5.73 -16.16 -28.01
CA LEU B 78 -6.42 -16.91 -29.06
C LEU B 78 -6.03 -16.46 -30.46
N GLY B 79 -5.20 -15.44 -30.59
CA GLY B 79 -4.78 -14.93 -31.88
C GLY B 79 -4.83 -13.41 -31.91
N ASN B 80 -4.06 -12.83 -32.84
CA ASN B 80 -4.03 -11.39 -32.98
C ASN B 80 -5.33 -10.84 -33.58
N LEU B 81 -6.08 -11.67 -34.30
CA LEU B 81 -7.37 -11.23 -34.81
C LEU B 81 -8.39 -11.08 -33.68
N GLN B 82 -8.33 -11.94 -32.67
CA GLN B 82 -9.26 -11.87 -31.56
C GLN B 82 -8.94 -10.70 -30.64
N LEU B 83 -7.66 -10.37 -30.47
CA LEU B 83 -7.28 -9.22 -29.68
C LEU B 83 -7.82 -7.93 -30.28
N ALA B 84 -7.89 -7.85 -31.61
CA ALA B 84 -8.49 -6.69 -32.25
C ALA B 84 -10.00 -6.67 -32.05
N ALA B 85 -10.64 -7.84 -32.07
CA ALA B 85 -12.08 -7.90 -31.83
C ALA B 85 -12.41 -7.55 -30.38
N ALA B 86 -11.65 -8.10 -29.43
CA ALA B 86 -11.84 -7.75 -28.03
C ALA B 86 -11.48 -6.29 -27.76
N SER B 87 -10.70 -5.67 -28.63
CA SER B 87 -10.40 -4.25 -28.52
C SER B 87 -11.43 -3.39 -29.25
N LEU B 88 -11.94 -3.87 -30.38
CA LEU B 88 -12.95 -3.12 -31.12
C LEU B 88 -14.27 -3.09 -30.38
N GLY B 89 -14.71 -4.24 -29.87
CA GLY B 89 -15.95 -4.27 -29.11
C GLY B 89 -15.86 -3.48 -27.82
N ASN B 90 -14.69 -3.53 -27.17
CA ASN B 90 -14.51 -2.81 -25.92
C ASN B 90 -14.55 -1.30 -26.14
N GLN B 91 -14.00 -0.83 -27.25
CA GLN B 91 -13.93 0.60 -27.54
C GLN B 91 -15.06 1.11 -28.41
N GLY B 92 -15.64 0.25 -29.25
CA GLY B 92 -16.66 0.70 -30.18
C GLY B 92 -18.08 0.52 -29.69
N ILE B 93 -18.44 -0.68 -29.29
CA ILE B 93 -19.82 -1.01 -28.90
C ILE B 93 -19.99 -0.99 -27.38
N GLN B 94 -19.10 -1.67 -26.65
CA GLN B 94 -19.23 -1.73 -25.20
C GLN B 94 -19.05 -0.35 -24.58
N LEU B 95 -18.05 0.41 -25.04
CA LEU B 95 -17.83 1.75 -24.50
C LEU B 95 -19.00 2.67 -24.81
N PHE B 96 -19.69 2.46 -25.92
CA PHE B 96 -20.88 3.25 -26.22
C PHE B 96 -22.02 2.93 -25.25
N ALA B 97 -22.24 1.64 -24.98
CA ALA B 97 -23.28 1.26 -24.04
C ALA B 97 -22.88 1.55 -22.60
N TYR B 98 -21.59 1.43 -22.29
CA TYR B 98 -21.13 1.77 -20.94
C TYR B 98 -21.32 3.25 -20.66
N GLY B 99 -21.24 4.10 -21.69
CA GLY B 99 -21.48 5.52 -21.48
C GLY B 99 -22.93 5.86 -21.23
N LEU B 100 -23.85 5.10 -21.83
CA LEU B 100 -25.26 5.36 -21.62
C LEU B 100 -25.72 4.92 -20.23
N MET B 101 -25.17 3.80 -19.74
CA MET B 101 -25.51 3.35 -18.40
C MET B 101 -24.96 4.29 -17.33
N LEU B 102 -23.76 4.84 -17.55
CA LEU B 102 -23.16 5.74 -16.57
C LEU B 102 -23.88 7.08 -16.53
N GLY B 103 -24.50 7.49 -17.64
CA GLY B 103 -25.19 8.76 -17.70
C GLY B 103 -26.50 8.76 -16.94
N MET B 104 -27.32 7.72 -17.13
CA MET B 104 -28.61 7.65 -16.44
C MET B 104 -28.44 7.58 -14.93
N GLY B 105 -27.38 6.91 -14.46
CA GLY B 105 -27.11 6.78 -13.04
C GLY B 105 -26.58 8.04 -12.38
N SER B 106 -26.45 9.14 -13.12
CA SER B 106 -25.96 10.37 -12.51
C SER B 106 -27.05 11.09 -11.73
N ALA B 107 -28.31 10.96 -12.15
CA ALA B 107 -29.40 11.62 -11.43
C ALA B 107 -29.73 10.90 -10.13
N VAL B 108 -29.57 9.58 -10.09
CA VAL B 108 -29.77 8.85 -8.85
C VAL B 108 -28.58 9.02 -7.91
N GLU B 109 -27.40 9.36 -8.45
CA GLU B 109 -26.25 9.60 -7.59
C GLU B 109 -26.37 10.91 -6.83
N THR B 110 -26.79 11.97 -7.52
CA THR B 110 -26.98 13.26 -6.85
C THR B 110 -28.16 13.23 -5.89
N LEU B 111 -29.05 12.24 -6.02
CA LEU B 111 -30.15 12.08 -5.09
C LEU B 111 -29.77 11.21 -3.90
N CYS B 112 -29.11 10.08 -4.16
CA CYS B 112 -28.74 9.17 -3.07
C CYS B 112 -27.74 9.82 -2.13
N GLY B 113 -26.84 10.64 -2.66
CA GLY B 113 -25.83 11.30 -1.86
C GLY B 113 -26.40 12.43 -1.02
N GLN B 114 -27.22 13.28 -1.63
CA GLN B 114 -27.80 14.40 -0.89
C GLN B 114 -28.84 13.94 0.11
N ALA B 115 -29.48 12.80 -0.14
CA ALA B 115 -30.48 12.30 0.80
C ALA B 115 -29.81 11.75 2.06
N TYR B 116 -28.64 11.13 1.92
CA TYR B 116 -27.95 10.58 3.09
C TYR B 116 -27.44 11.68 4.01
N GLY B 117 -27.16 12.86 3.47
CA GLY B 117 -26.72 13.96 4.31
C GLY B 117 -27.85 14.55 5.14
N ALA B 118 -29.04 14.65 4.54
CA ALA B 118 -30.20 15.22 5.19
C ALA B 118 -30.94 14.22 6.09
N HIS B 119 -30.29 13.11 6.45
CA HIS B 119 -30.85 12.08 7.33
C HIS B 119 -32.11 11.45 6.76
N ARG B 120 -32.34 11.59 5.45
CA ARG B 120 -33.51 10.99 4.81
C ARG B 120 -33.14 9.62 4.23
N TYR B 121 -32.93 8.68 5.15
CA TYR B 121 -32.55 7.32 4.77
C TYR B 121 -33.68 6.58 4.06
N GLU B 122 -34.90 7.12 4.06
CA GLU B 122 -36.03 6.48 3.40
C GLU B 122 -35.98 6.61 1.89
N MET B 123 -35.09 7.45 1.35
CA MET B 123 -35.02 7.65 -0.09
C MET B 123 -34.05 6.70 -0.78
N LEU B 124 -33.02 6.24 -0.07
CA LEU B 124 -31.97 5.44 -0.71
C LEU B 124 -32.50 4.08 -1.14
N GLY B 125 -33.39 3.48 -0.35
CA GLY B 125 -33.94 2.19 -0.73
C GLY B 125 -34.93 2.28 -1.88
N VAL B 126 -35.70 3.37 -1.93
CA VAL B 126 -36.69 3.52 -3.00
C VAL B 126 -36.00 3.81 -4.33
N TYR B 127 -35.01 4.70 -4.31
CA TYR B 127 -34.34 5.11 -5.54
C TYR B 127 -33.29 4.11 -6.02
N LEU B 128 -32.98 3.09 -5.22
CA LEU B 128 -32.18 1.98 -5.74
C LEU B 128 -32.99 1.16 -6.73
N GLN B 129 -34.22 0.79 -6.36
CA GLN B 129 -35.06 0.03 -7.26
C GLN B 129 -35.56 0.89 -8.41
N ARG B 130 -35.92 2.15 -8.13
CA ARG B 130 -36.46 3.03 -9.15
C ARG B 130 -35.42 3.33 -10.23
N ALA B 131 -34.13 3.35 -9.86
CA ALA B 131 -33.08 3.53 -10.86
C ALA B 131 -32.72 2.22 -11.54
N THR B 132 -32.84 1.09 -10.84
CA THR B 132 -32.58 -0.21 -11.46
C THR B 132 -33.61 -0.52 -12.52
N VAL B 133 -34.86 -0.09 -12.34
CA VAL B 133 -35.88 -0.29 -13.35
C VAL B 133 -35.58 0.55 -14.59
N VAL B 134 -35.14 1.79 -14.39
CA VAL B 134 -34.80 2.65 -15.52
C VAL B 134 -33.60 2.09 -16.27
N LEU B 135 -32.56 1.65 -15.53
CA LEU B 135 -31.38 1.08 -16.19
C LEU B 135 -31.69 -0.23 -16.88
N SER B 136 -32.61 -1.03 -16.33
CA SER B 136 -32.97 -2.29 -16.97
C SER B 136 -33.76 -2.04 -18.26
N LEU B 137 -34.69 -1.09 -18.23
CA LEU B 137 -35.45 -0.76 -19.44
C LEU B 137 -34.56 -0.10 -20.48
N THR B 138 -33.64 0.77 -20.04
CA THR B 138 -32.67 1.35 -20.96
C THR B 138 -31.70 0.29 -21.50
N GLY B 139 -31.54 -0.82 -20.80
CA GLY B 139 -30.71 -1.91 -21.29
C GLY B 139 -31.33 -2.71 -22.41
N ILE B 140 -32.59 -2.46 -22.75
CA ILE B 140 -33.26 -3.15 -23.84
C ILE B 140 -32.81 -2.57 -25.18
N PRO B 141 -32.83 -1.24 -25.39
CA PRO B 141 -32.27 -0.72 -26.64
C PRO B 141 -30.77 -0.94 -26.77
N LEU B 142 -30.05 -1.02 -25.66
CA LEU B 142 -28.64 -1.37 -25.72
C LEU B 142 -28.44 -2.84 -26.08
N ALA B 143 -29.42 -3.69 -25.79
CA ALA B 143 -29.30 -5.11 -26.13
C ALA B 143 -29.46 -5.35 -27.63
N VAL B 144 -30.26 -4.54 -28.31
CA VAL B 144 -30.45 -4.74 -29.74
C VAL B 144 -29.29 -4.15 -30.53
N VAL B 145 -28.60 -3.14 -29.98
CA VAL B 145 -27.39 -2.65 -30.63
C VAL B 145 -26.27 -3.67 -30.50
N TYR B 146 -26.24 -4.42 -29.40
CA TYR B 146 -25.26 -5.49 -29.25
C TYR B 146 -25.50 -6.61 -30.27
N LEU B 147 -26.76 -6.97 -30.48
CA LEU B 147 -27.07 -8.02 -31.44
C LEU B 147 -26.81 -7.55 -32.87
N PHE B 148 -27.09 -6.29 -33.16
CA PHE B 148 -26.84 -5.71 -34.47
C PHE B 148 -25.43 -5.15 -34.61
N SER B 149 -24.56 -5.39 -33.62
CA SER B 149 -23.20 -4.85 -33.68
C SER B 149 -22.45 -5.35 -34.90
N LYS B 150 -22.81 -6.53 -35.42
CA LYS B 150 -22.21 -7.01 -36.64
C LYS B 150 -22.55 -6.10 -37.82
N ASN B 151 -23.85 -5.80 -37.99
CA ASN B 151 -24.27 -4.93 -39.08
C ASN B 151 -23.81 -3.49 -38.87
N ILE B 152 -23.76 -3.04 -37.61
CA ILE B 152 -23.31 -1.68 -37.34
C ILE B 152 -21.83 -1.53 -37.67
N LEU B 153 -21.00 -2.48 -37.22
CA LEU B 153 -19.55 -2.36 -37.40
C LEU B 153 -19.17 -2.39 -38.88
N LEU B 154 -19.83 -3.23 -39.67
CA LEU B 154 -19.56 -3.22 -41.10
C LEU B 154 -20.08 -1.96 -41.79
N ALA B 155 -20.95 -1.20 -41.12
CA ALA B 155 -21.37 0.09 -41.64
C ALA B 155 -20.36 1.20 -41.33
N LEU B 156 -19.53 1.03 -40.30
CA LEU B 156 -18.45 1.97 -40.05
C LEU B 156 -17.32 1.82 -41.05
N GLY B 157 -17.16 0.65 -41.66
CA GLY B 157 -16.14 0.47 -42.68
C GLY B 157 -15.10 -0.59 -42.34
N GLU B 158 -15.43 -1.48 -41.42
CA GLU B 158 -14.51 -2.56 -41.07
C GLU B 158 -14.68 -3.73 -42.03
N SER B 159 -13.78 -4.71 -41.90
CA SER B 159 -13.81 -5.87 -42.77
C SER B 159 -14.79 -6.92 -42.25
N LYS B 160 -15.11 -7.89 -43.11
CA LYS B 160 -16.00 -8.96 -42.71
C LYS B 160 -15.35 -9.87 -41.68
N LEU B 161 -14.03 -10.04 -41.75
CA LEU B 161 -13.34 -10.91 -40.79
C LEU B 161 -13.23 -10.27 -39.42
N VAL B 162 -13.21 -8.94 -39.35
CA VAL B 162 -13.09 -8.22 -38.08
C VAL B 162 -14.44 -7.98 -37.44
N ALA B 163 -15.41 -7.48 -38.22
CA ALA B 163 -16.73 -7.17 -37.67
C ALA B 163 -17.44 -8.43 -37.17
N SER B 164 -17.25 -9.56 -37.87
CA SER B 164 -17.86 -10.80 -37.41
C SER B 164 -17.18 -11.34 -36.16
N ALA B 165 -15.88 -11.08 -36.01
CA ALA B 165 -15.18 -11.53 -34.80
C ALA B 165 -15.59 -10.69 -33.59
N ALA B 166 -15.75 -9.38 -33.79
CA ALA B 166 -16.19 -8.53 -32.69
C ALA B 166 -17.64 -8.82 -32.29
N ALA B 167 -18.48 -9.16 -33.27
CA ALA B 167 -19.88 -9.47 -32.96
C ALA B 167 -19.98 -10.66 -32.01
N VAL B 168 -19.17 -11.69 -32.22
CA VAL B 168 -19.15 -12.83 -31.32
C VAL B 168 -18.69 -12.40 -29.93
N PHE B 169 -17.70 -11.50 -29.88
CA PHE B 169 -17.27 -10.96 -28.59
C PHE B 169 -18.35 -10.07 -27.97
N VAL B 170 -19.06 -9.31 -28.81
CA VAL B 170 -20.15 -8.48 -28.31
C VAL B 170 -21.34 -9.34 -27.90
N TYR B 171 -21.55 -10.47 -28.58
CA TYR B 171 -22.63 -11.37 -28.19
C TYR B 171 -22.46 -11.86 -26.76
N GLY B 172 -21.22 -12.16 -26.36
CA GLY B 172 -20.96 -12.57 -24.99
C GLY B 172 -21.00 -11.46 -23.97
N LEU B 173 -21.10 -10.22 -24.42
CA LEU B 173 -21.18 -9.06 -23.53
C LEU B 173 -22.60 -8.55 -23.35
N ILE B 174 -23.58 -9.25 -23.91
CA ILE B 174 -24.98 -8.85 -23.75
C ILE B 174 -25.53 -9.16 -22.37
N PRO B 175 -24.98 -10.12 -21.59
CA PRO B 175 -25.37 -10.18 -20.17
C PRO B 175 -24.71 -9.10 -19.33
N GLN B 176 -23.58 -8.55 -19.78
CA GLN B 176 -22.95 -7.46 -19.06
C GLN B 176 -23.75 -6.18 -19.11
N ILE B 177 -24.71 -6.07 -20.05
CA ILE B 177 -25.52 -4.86 -20.15
C ILE B 177 -26.40 -4.71 -18.91
N PHE B 178 -27.13 -5.77 -18.56
CA PHE B 178 -28.02 -5.72 -17.40
C PHE B 178 -27.27 -5.87 -16.09
N ALA B 179 -26.06 -6.43 -16.11
CA ALA B 179 -25.21 -6.38 -14.92
C ALA B 179 -24.83 -4.94 -14.59
N TYR B 180 -24.60 -4.12 -15.62
CA TYR B 180 -24.43 -2.68 -15.41
C TYR B 180 -25.69 -2.05 -14.86
N ALA B 181 -26.85 -2.56 -15.28
CA ALA B 181 -28.13 -1.99 -14.85
C ALA B 181 -28.40 -2.19 -13.37
N VAL B 182 -27.72 -3.14 -12.73
CA VAL B 182 -27.89 -3.38 -11.31
C VAL B 182 -26.66 -2.98 -10.50
N ASN B 183 -25.46 -3.11 -11.06
CA ASN B 183 -24.25 -2.80 -10.30
C ASN B 183 -24.06 -1.30 -10.09
N PHE B 184 -24.61 -0.48 -10.99
CA PHE B 184 -24.49 0.98 -10.84
C PHE B 184 -25.46 1.52 -9.78
N PRO B 185 -26.74 1.13 -9.77
CA PRO B 185 -27.61 1.59 -8.67
C PRO B 185 -27.13 1.15 -7.31
N ILE B 186 -26.51 -0.02 -7.21
CA ILE B 186 -25.92 -0.44 -5.94
C ILE B 186 -24.63 0.32 -5.66
N GLN B 187 -23.91 0.72 -6.71
CA GLN B 187 -22.68 1.49 -6.51
C GLN B 187 -22.97 2.85 -5.89
N LYS B 188 -23.89 3.61 -6.49
CA LYS B 188 -24.26 4.90 -5.92
C LYS B 188 -24.94 4.76 -4.57
N PHE B 189 -25.53 3.60 -4.29
CA PHE B 189 -26.20 3.37 -3.02
C PHE B 189 -25.19 3.15 -1.89
N LEU B 190 -24.13 2.40 -2.17
CA LEU B 190 -23.12 2.14 -1.14
C LEU B 190 -22.14 3.30 -1.00
N GLN B 191 -21.74 3.91 -2.11
CA GLN B 191 -20.78 5.01 -2.01
C GLN B 191 -21.38 6.22 -1.32
N SER B 192 -22.70 6.39 -1.40
CA SER B 192 -23.36 7.50 -0.71
C SER B 192 -23.23 7.36 0.80
N GLN B 193 -23.29 6.13 1.31
CA GLN B 193 -23.15 5.88 2.74
C GLN B 193 -21.70 5.72 3.17
N SER B 194 -20.76 6.14 2.32
CA SER B 194 -19.32 6.08 2.60
C SER B 194 -18.81 4.66 2.82
N ILE B 195 -19.60 3.65 2.43
CA ILE B 195 -19.21 2.26 2.62
C ILE B 195 -18.78 1.66 1.29
N VAL B 196 -17.58 2.01 0.84
CA VAL B 196 -17.04 1.53 -0.43
C VAL B 196 -15.98 0.44 -0.25
N ALA B 197 -15.52 0.20 0.97
CA ALA B 197 -14.53 -0.85 1.24
C ALA B 197 -15.09 -2.26 0.97
N PRO B 198 -16.33 -2.58 1.38
CA PRO B 198 -16.85 -3.92 1.08
C PRO B 198 -16.97 -4.21 -0.41
N SER B 199 -17.29 -3.21 -1.23
CA SER B 199 -17.37 -3.43 -2.67
C SER B 199 -16.00 -3.74 -3.26
N ALA B 200 -14.92 -3.25 -2.65
CA ALA B 200 -13.60 -3.52 -3.16
C ALA B 200 -13.14 -4.93 -2.82
N PHE B 201 -13.54 -5.44 -1.64
CA PHE B 201 -13.13 -6.79 -1.25
C PHE B 201 -13.83 -7.85 -2.09
N ILE B 202 -15.12 -7.66 -2.38
CA ILE B 202 -15.85 -8.66 -3.13
C ILE B 202 -15.49 -8.61 -4.61
N SER B 203 -15.10 -7.43 -5.12
CA SER B 203 -14.61 -7.36 -6.49
C SER B 203 -13.23 -7.97 -6.62
N LEU B 204 -12.42 -7.89 -5.56
CA LEU B 204 -11.08 -8.48 -5.59
C LEU B 204 -11.15 -10.00 -5.69
N GLY B 205 -12.11 -10.62 -5.00
CA GLY B 205 -12.23 -12.07 -5.05
C GLY B 205 -12.73 -12.56 -6.39
N THR B 206 -13.70 -11.84 -6.97
CA THR B 206 -14.22 -12.22 -8.28
C THR B 206 -13.19 -12.06 -9.39
N LEU B 207 -12.17 -11.22 -9.17
CA LEU B 207 -11.11 -11.08 -10.16
C LEU B 207 -10.33 -12.38 -10.30
N PHE B 208 -10.03 -13.05 -9.18
CA PHE B 208 -9.37 -14.34 -9.26
C PHE B 208 -10.31 -15.42 -9.79
N VAL B 209 -11.61 -15.28 -9.55
CA VAL B 209 -12.58 -16.20 -10.16
C VAL B 209 -12.64 -15.97 -11.67
N HIS B 210 -12.60 -14.70 -12.09
CA HIS B 210 -12.63 -14.40 -13.52
C HIS B 210 -11.40 -14.94 -14.23
N ILE B 211 -10.22 -14.81 -13.61
CA ILE B 211 -9.00 -15.31 -14.23
C ILE B 211 -9.01 -16.82 -14.33
N LEU B 212 -9.46 -17.50 -13.28
CA LEU B 212 -9.47 -18.96 -13.30
C LEU B 212 -10.57 -19.49 -14.21
N LEU B 213 -11.75 -18.88 -14.17
CA LEU B 213 -12.86 -19.35 -15.01
C LEU B 213 -12.58 -19.09 -16.49
N SER B 214 -11.97 -17.95 -16.80
CA SER B 214 -11.59 -17.68 -18.19
C SER B 214 -10.46 -18.60 -18.64
N TRP B 215 -9.57 -18.98 -17.72
CA TRP B 215 -8.51 -19.91 -18.06
C TRP B 215 -9.07 -21.30 -18.38
N VAL B 216 -10.08 -21.74 -17.64
CA VAL B 216 -10.69 -23.03 -17.90
C VAL B 216 -11.48 -22.99 -19.20
N VAL B 217 -12.15 -21.88 -19.48
CA VAL B 217 -12.98 -21.78 -20.67
C VAL B 217 -12.12 -21.65 -21.93
N VAL B 218 -11.10 -20.80 -21.87
CA VAL B 218 -10.29 -20.53 -23.06
C VAL B 218 -9.30 -21.66 -23.33
N TYR B 219 -8.57 -22.08 -22.31
CA TYR B 219 -7.50 -23.06 -22.52
C TYR B 219 -8.03 -24.48 -22.63
N LYS B 220 -9.05 -24.83 -21.86
CA LYS B 220 -9.56 -26.19 -21.81
C LYS B 220 -10.84 -26.37 -22.61
N ILE B 221 -11.88 -25.59 -22.29
CA ILE B 221 -13.16 -25.77 -22.97
C ILE B 221 -13.06 -25.37 -24.44
N GLY B 222 -12.35 -24.28 -24.72
CA GLY B 222 -12.22 -23.82 -26.09
C GLY B 222 -13.43 -23.08 -26.62
N LEU B 223 -14.14 -22.36 -25.78
CA LEU B 223 -15.32 -21.62 -26.24
C LEU B 223 -14.93 -20.42 -27.09
N GLY B 224 -13.79 -19.80 -26.81
CA GLY B 224 -13.30 -18.71 -27.63
C GLY B 224 -13.70 -17.33 -27.14
N LEU B 225 -13.97 -16.43 -28.08
CA LEU B 225 -14.33 -15.06 -27.72
C LEU B 225 -15.67 -15.02 -26.98
N LEU B 226 -16.60 -15.88 -27.38
CA LEU B 226 -17.90 -15.91 -26.72
C LEU B 226 -17.77 -16.36 -25.27
N GLY B 227 -16.99 -17.41 -25.04
CA GLY B 227 -16.81 -17.89 -23.67
C GLY B 227 -16.07 -16.91 -22.79
N ALA B 228 -15.01 -16.29 -23.32
CA ALA B 228 -14.25 -15.32 -22.52
C ALA B 228 -15.10 -14.11 -22.18
N SER B 229 -15.92 -13.65 -23.13
CA SER B 229 -16.81 -12.52 -22.85
C SER B 229 -17.96 -12.93 -21.92
N LEU B 230 -18.43 -14.17 -22.03
CA LEU B 230 -19.48 -14.63 -21.12
C LEU B 230 -18.93 -14.80 -19.69
N VAL B 231 -17.68 -15.24 -19.57
CA VAL B 231 -17.06 -15.32 -18.25
C VAL B 231 -16.92 -13.94 -17.65
N LEU B 232 -16.58 -12.95 -18.49
CA LEU B 232 -16.52 -11.56 -18.00
C LEU B 232 -17.90 -11.09 -17.55
N SER B 233 -18.94 -11.38 -18.33
CA SER B 233 -20.29 -11.01 -17.94
C SER B 233 -20.75 -11.80 -16.71
N PHE B 234 -20.33 -13.07 -16.61
CA PHE B 234 -20.68 -13.86 -15.44
C PHE B 234 -19.99 -13.32 -14.20
N SER B 235 -18.72 -12.96 -14.30
CA SER B 235 -18.00 -12.39 -13.16
C SER B 235 -18.60 -11.05 -12.74
N TRP B 236 -19.11 -10.28 -13.71
CA TRP B 236 -19.76 -9.02 -13.37
C TRP B 236 -21.10 -9.26 -12.67
N TRP B 237 -21.74 -10.40 -12.92
CA TRP B 237 -22.97 -10.73 -12.23
C TRP B 237 -22.71 -11.27 -10.82
N ILE B 238 -21.51 -11.80 -10.56
CA ILE B 238 -21.18 -12.25 -9.22
C ILE B 238 -21.04 -11.06 -8.28
N ILE B 239 -20.38 -9.99 -8.74
CA ILE B 239 -20.28 -8.79 -7.93
C ILE B 239 -21.63 -8.11 -7.76
N VAL B 240 -22.58 -8.39 -8.66
CA VAL B 240 -23.94 -7.91 -8.46
C VAL B 240 -24.61 -8.69 -7.34
N VAL B 241 -24.42 -10.01 -7.31
CA VAL B 241 -24.95 -10.82 -6.23
C VAL B 241 -24.18 -10.56 -4.94
N ALA B 242 -22.86 -10.38 -5.04
CA ALA B 242 -22.06 -10.12 -3.85
C ALA B 242 -22.40 -8.79 -3.20
N GLN B 243 -22.78 -7.80 -3.99
CA GLN B 243 -23.23 -6.53 -3.41
C GLN B 243 -24.63 -6.62 -2.84
N PHE B 244 -25.49 -7.47 -3.41
CA PHE B 244 -26.86 -7.56 -2.93
C PHE B 244 -26.96 -8.39 -1.66
N ILE B 245 -26.05 -9.34 -1.45
CA ILE B 245 -26.04 -10.07 -0.18
C ILE B 245 -25.40 -9.26 0.93
N TYR B 246 -24.57 -8.26 0.60
CA TYR B 246 -24.00 -7.40 1.64
C TYR B 246 -25.03 -6.43 2.17
N ILE B 247 -25.82 -5.82 1.28
CA ILE B 247 -26.86 -4.88 1.72
C ILE B 247 -28.00 -5.58 2.45
N LEU B 248 -28.02 -6.91 2.46
CA LEU B 248 -28.99 -7.67 3.24
C LEU B 248 -28.39 -8.27 4.50
N LYS B 249 -27.07 -8.15 4.70
CA LYS B 249 -26.40 -8.66 5.87
C LYS B 249 -25.92 -7.55 6.80
N SER B 250 -25.10 -6.63 6.29
CA SER B 250 -24.51 -5.60 7.13
C SER B 250 -25.57 -4.67 7.71
N GLU B 251 -25.35 -4.24 8.94
CA GLU B 251 -26.27 -3.33 9.61
C GLU B 251 -26.17 -1.90 9.09
N ARG B 252 -25.13 -1.58 8.33
CA ARG B 252 -25.00 -0.24 7.77
C ARG B 252 -26.05 0.07 6.72
N CYS B 253 -26.65 -0.96 6.11
CA CYS B 253 -27.70 -0.79 5.12
C CYS B 253 -29.09 -1.05 5.67
N LYS B 254 -29.22 -1.30 6.97
CA LYS B 254 -30.53 -1.59 7.55
C LYS B 254 -31.41 -0.35 7.62
N ALA B 255 -30.81 0.83 7.75
CA ALA B 255 -31.57 2.06 7.82
C ALA B 255 -31.92 2.64 6.47
N THR B 256 -31.17 2.27 5.42
CA THR B 256 -31.39 2.80 4.08
C THR B 256 -32.22 1.89 3.19
N TRP B 257 -32.07 0.57 3.32
CA TRP B 257 -32.79 -0.38 2.50
C TRP B 257 -33.95 -0.95 3.31
N ALA B 258 -35.18 -0.61 2.90
CA ALA B 258 -36.37 -1.10 3.57
C ALA B 258 -36.93 -2.37 2.95
N GLY B 259 -36.60 -2.65 1.69
CA GLY B 259 -37.08 -3.83 1.00
C GLY B 259 -37.79 -3.46 -0.29
N PHE B 260 -38.22 -4.50 -0.99
CA PHE B 260 -38.91 -4.33 -2.26
C PHE B 260 -40.30 -3.76 -2.02
N ARG B 261 -40.57 -2.59 -2.60
CA ARG B 261 -41.86 -1.93 -2.49
C ARG B 261 -42.36 -1.57 -3.88
N TRP B 262 -43.64 -1.87 -4.14
CA TRP B 262 -44.25 -1.54 -5.43
C TRP B 262 -44.42 -0.05 -5.64
N GLU B 263 -44.23 0.77 -4.59
CA GLU B 263 -44.31 2.21 -4.73
C GLU B 263 -43.12 2.79 -5.50
N ALA B 264 -42.08 2.00 -5.76
CA ALA B 264 -40.96 2.47 -6.55
C ALA B 264 -41.32 2.67 -8.01
N PHE B 265 -42.38 2.02 -8.49
CA PHE B 265 -42.84 2.20 -9.86
C PHE B 265 -43.70 3.44 -10.02
N SER B 266 -43.99 4.17 -8.95
CA SER B 266 -44.83 5.35 -9.02
C SER B 266 -44.03 6.52 -9.60
N GLY B 267 -44.59 7.14 -10.64
CA GLY B 267 -43.94 8.28 -11.27
C GLY B 267 -42.63 7.97 -11.94
N LEU B 268 -42.54 6.85 -12.66
CA LEU B 268 -41.30 6.50 -13.34
C LEU B 268 -41.00 7.47 -14.47
N TRP B 269 -42.04 8.06 -15.09
CA TRP B 269 -41.81 9.02 -16.17
C TRP B 269 -41.13 10.27 -15.66
N GLN B 270 -41.43 10.70 -14.43
CA GLN B 270 -40.76 11.87 -13.88
C GLN B 270 -39.30 11.59 -13.58
N PHE B 271 -38.99 10.37 -13.12
CA PHE B 271 -37.61 10.01 -12.84
C PHE B 271 -36.81 9.78 -14.12
N VAL B 272 -37.50 9.38 -15.20
CA VAL B 272 -36.81 9.18 -16.48
C VAL B 272 -36.42 10.52 -17.09
N LYS B 273 -37.31 11.52 -16.99
CA LYS B 273 -37.01 12.82 -17.56
C LYS B 273 -35.82 13.48 -16.86
N LEU B 274 -35.72 13.31 -15.55
CA LEU B 274 -34.57 13.86 -14.82
C LEU B 274 -33.29 13.14 -15.19
N SER B 275 -33.33 11.80 -15.19
CA SER B 275 -32.15 11.01 -15.50
C SER B 275 -31.70 11.16 -16.94
N ALA B 276 -32.60 11.51 -17.85
CA ALA B 276 -32.21 11.72 -19.23
C ALA B 276 -31.39 13.00 -19.38
N GLY B 277 -31.83 14.08 -18.73
CA GLY B 277 -31.05 15.31 -18.77
C GLY B 277 -29.71 15.19 -18.06
N SER B 278 -29.65 14.42 -16.98
CA SER B 278 -28.39 14.17 -16.29
C SER B 278 -27.50 13.20 -17.03
N ALA B 279 -28.01 12.52 -18.06
CA ALA B 279 -27.22 11.59 -18.84
C ALA B 279 -26.45 12.27 -19.97
N VAL B 280 -26.93 13.41 -20.46
CA VAL B 280 -26.27 14.11 -21.56
C VAL B 280 -24.86 14.53 -21.16
N MET B 281 -24.64 14.81 -19.88
CA MET B 281 -23.33 15.24 -19.41
C MET B 281 -22.29 14.14 -19.61
N LEU B 282 -22.62 12.92 -19.20
CA LEU B 282 -21.66 11.83 -19.24
C LEU B 282 -21.68 11.05 -20.55
N CYS B 283 -22.86 10.92 -21.18
CA CYS B 283 -22.93 10.19 -22.44
C CYS B 283 -22.17 10.92 -23.54
N LEU B 284 -22.30 12.25 -23.60
CA LEU B 284 -21.59 13.02 -24.61
C LEU B 284 -20.09 13.00 -24.37
N GLU B 285 -19.66 12.87 -23.11
CA GLU B 285 -18.24 12.86 -22.80
C GLU B 285 -17.60 11.51 -23.08
N THR B 286 -18.27 10.42 -22.68
CA THR B 286 -17.71 9.09 -22.93
C THR B 286 -17.61 8.81 -24.42
N TRP B 287 -18.63 9.22 -25.19
CA TRP B 287 -18.57 9.06 -26.64
C TRP B 287 -17.53 9.99 -27.27
N TYR B 288 -17.32 11.16 -26.67
CA TYR B 288 -16.31 12.09 -27.19
C TYR B 288 -14.93 11.47 -27.15
N PHE B 289 -14.62 10.72 -26.10
CA PHE B 289 -13.35 10.00 -26.06
C PHE B 289 -13.36 8.79 -26.97
N GLN B 290 -14.50 8.10 -27.06
CA GLN B 290 -14.62 6.96 -27.96
C GLN B 290 -14.48 7.39 -29.41
N ILE B 291 -15.06 8.53 -29.77
CA ILE B 291 -14.94 9.03 -31.14
C ILE B 291 -13.49 9.30 -31.50
N LEU B 292 -12.74 9.91 -30.57
CA LEU B 292 -11.34 10.22 -30.86
C LEU B 292 -10.49 8.95 -30.93
N VAL B 293 -10.80 7.96 -30.09
CA VAL B 293 -10.05 6.70 -30.13
C VAL B 293 -10.31 5.97 -31.44
N LEU B 294 -11.56 5.92 -31.87
CA LEU B 294 -11.87 5.31 -33.16
C LEU B 294 -11.30 6.12 -34.32
N LEU B 295 -11.21 7.44 -34.16
CA LEU B 295 -10.57 8.25 -35.19
C LEU B 295 -9.06 8.00 -35.24
N SER B 296 -8.48 7.55 -34.13
CA SER B 296 -7.07 7.18 -34.14
C SER B 296 -6.80 5.97 -35.02
N GLY B 297 -7.80 5.12 -35.24
CA GLY B 297 -7.66 4.01 -36.16
C GLY B 297 -7.67 4.39 -37.63
N LEU B 298 -7.86 5.67 -37.94
CA LEU B 298 -7.84 6.17 -39.31
C LEU B 298 -6.49 6.78 -39.69
N LEU B 299 -5.56 6.87 -38.74
CA LEU B 299 -4.29 7.53 -39.01
C LEU B 299 -3.45 6.74 -40.00
N LYS B 300 -2.59 7.45 -40.72
CA LYS B 300 -1.61 6.84 -41.60
C LYS B 300 -0.46 6.25 -40.78
N ASN B 301 0.26 5.32 -41.39
CA ASN B 301 1.34 4.59 -40.73
C ASN B 301 0.86 3.96 -39.42
N PRO B 302 -0.09 3.03 -39.48
CA PRO B 302 -0.65 2.47 -38.24
C PRO B 302 0.26 1.50 -37.52
N GLU B 303 1.45 1.22 -38.08
CA GLU B 303 2.37 0.27 -37.43
C GLU B 303 3.00 0.89 -36.19
N ILE B 304 3.17 2.21 -36.17
CA ILE B 304 3.81 2.88 -35.04
C ILE B 304 2.86 3.90 -34.43
N ALA B 305 1.97 4.46 -35.25
CA ALA B 305 1.04 5.46 -34.75
C ALA B 305 0.02 4.85 -33.79
N LEU B 306 -0.58 3.72 -34.18
CA LEU B 306 -1.55 3.07 -33.32
C LEU B 306 -0.88 2.43 -32.11
N ALA B 307 0.36 1.99 -32.24
CA ALA B 307 1.06 1.36 -31.12
C ALA B 307 1.37 2.38 -30.03
N SER B 308 1.95 3.53 -30.41
CA SER B 308 2.25 4.56 -29.42
C SER B 308 0.98 5.10 -28.78
N ILE B 309 -0.10 5.19 -29.56
CA ILE B 309 -1.39 5.57 -28.99
C ILE B 309 -1.89 4.50 -28.04
N SER B 310 -1.79 3.23 -28.44
CA SER B 310 -2.19 2.14 -27.55
C SER B 310 -1.31 2.08 -26.30
N VAL B 311 -0.07 2.57 -26.39
CA VAL B 311 0.78 2.67 -25.21
C VAL B 311 0.39 3.87 -24.37
N CYS B 312 0.15 5.02 -25.00
CA CYS B 312 -0.23 6.21 -24.25
C CYS B 312 -1.61 6.04 -23.61
N LEU B 313 -2.58 5.51 -24.36
CA LEU B 313 -3.90 5.28 -23.79
C LEU B 313 -3.87 4.21 -22.72
N ALA B 314 -2.92 3.28 -22.79
CA ALA B 314 -2.71 2.35 -21.69
C ALA B 314 -2.05 3.03 -20.49
N VAL B 315 -1.20 4.03 -20.76
CA VAL B 315 -0.65 4.84 -19.68
C VAL B 315 -1.69 5.81 -19.16
N ASN B 316 -2.33 6.56 -20.07
CA ASN B 316 -3.38 7.49 -19.66
C ASN B 316 -4.56 6.76 -19.03
N GLY B 317 -4.80 5.51 -19.43
CA GLY B 317 -5.89 4.75 -18.83
C GLY B 317 -5.64 4.47 -17.36
N LEU B 318 -4.44 4.01 -17.02
CA LEU B 318 -4.13 3.68 -15.64
C LEU B 318 -4.06 4.92 -14.76
N MET B 319 -3.71 6.07 -15.35
CA MET B 319 -3.67 7.29 -14.56
C MET B 319 -5.05 7.88 -14.33
N PHE B 320 -6.00 7.60 -15.23
CA PHE B 320 -7.36 8.09 -15.08
C PHE B 320 -8.14 7.34 -14.00
N MET B 321 -7.67 6.19 -13.56
CA MET B 321 -8.37 5.43 -12.52
C MET B 321 -8.34 6.18 -11.19
N VAL B 322 -7.21 6.78 -10.85
CA VAL B 322 -7.12 7.56 -9.61
C VAL B 322 -8.03 8.77 -9.67
N ALA B 323 -8.18 9.38 -10.85
CA ALA B 323 -9.09 10.51 -10.99
C ALA B 323 -10.53 10.09 -10.74
N VAL B 324 -10.90 8.87 -11.12
CA VAL B 324 -12.24 8.36 -10.84
C VAL B 324 -12.43 8.21 -9.34
N GLY B 325 -11.37 7.84 -8.61
CA GLY B 325 -11.47 7.78 -7.16
C GLY B 325 -11.75 9.14 -6.54
N PHE B 326 -11.04 10.18 -7.00
CA PHE B 326 -11.35 11.53 -6.58
C PHE B 326 -12.66 12.03 -7.19
N ASN B 327 -13.06 11.46 -8.32
CA ASN B 327 -14.39 11.77 -8.87
C ASN B 327 -15.48 11.24 -7.96
N ALA B 328 -15.30 10.04 -7.41
CA ALA B 328 -16.31 9.46 -6.52
C ALA B 328 -16.30 10.13 -5.16
N ALA B 329 -15.12 10.37 -4.60
CA ALA B 329 -15.03 10.94 -3.25
C ALA B 329 -15.57 12.36 -3.22
N ALA B 330 -15.23 13.17 -4.22
CA ALA B 330 -15.72 14.55 -4.25
C ALA B 330 -17.22 14.60 -4.50
N SER B 331 -17.76 13.63 -5.24
CA SER B 331 -19.19 13.63 -5.53
C SER B 331 -20.01 13.30 -4.29
N VAL B 332 -19.60 12.28 -3.53
CA VAL B 332 -20.35 11.90 -2.35
C VAL B 332 -20.17 12.93 -1.24
N ARG B 333 -18.96 13.47 -1.10
CA ARG B 333 -18.70 14.44 -0.04
C ARG B 333 -19.52 15.70 -0.26
N VAL B 334 -19.53 16.21 -1.50
CA VAL B 334 -20.35 17.38 -1.80
C VAL B 334 -21.82 17.06 -1.60
N SER B 335 -22.25 15.87 -2.06
CA SER B 335 -23.65 15.47 -1.89
C SER B 335 -24.00 15.33 -0.40
N ASN B 336 -23.11 14.72 0.38
CA ASN B 336 -23.40 14.51 1.79
C ASN B 336 -23.41 15.82 2.57
N GLU B 337 -22.45 16.70 2.30
CA GLU B 337 -22.35 17.93 3.08
C GLU B 337 -23.42 18.95 2.67
N LEU B 338 -23.76 19.01 1.38
CA LEU B 338 -24.81 19.92 0.94
C LEU B 338 -26.17 19.50 1.46
N GLY B 339 -26.45 18.20 1.45
CA GLY B 339 -27.70 17.70 2.01
C GLY B 339 -27.79 17.89 3.50
N ALA B 340 -26.66 17.81 4.20
CA ALA B 340 -26.62 18.03 5.64
C ALA B 340 -26.49 19.51 6.00
N ALA B 341 -26.56 20.40 5.01
CA ALA B 341 -26.48 21.85 5.23
C ALA B 341 -25.16 22.24 5.90
N HIS B 342 -24.06 21.92 5.22
CA HIS B 342 -22.72 22.30 5.65
C HIS B 342 -22.03 23.02 4.51
N PRO B 343 -22.25 24.33 4.38
CA PRO B 343 -21.66 25.07 3.26
C PRO B 343 -20.16 25.27 3.38
N LYS B 344 -19.71 25.67 4.58
CA LYS B 344 -18.28 25.92 4.78
C LYS B 344 -17.47 24.63 4.68
N SER B 345 -18.08 23.49 5.01
CA SER B 345 -17.39 22.21 4.86
C SER B 345 -17.32 21.77 3.41
N ALA B 346 -18.28 22.20 2.59
CA ALA B 346 -18.26 21.82 1.17
C ALA B 346 -17.12 22.51 0.44
N ALA B 347 -16.95 23.83 0.65
CA ALA B 347 -15.87 24.55 0.00
C ALA B 347 -14.51 24.04 0.44
N PHE B 348 -14.38 23.62 1.70
CA PHE B 348 -13.12 23.05 2.18
C PHE B 348 -12.86 21.69 1.53
N SER B 349 -13.90 20.87 1.38
CA SER B 349 -13.73 19.56 0.78
C SER B 349 -13.42 19.68 -0.72
N VAL B 350 -14.15 20.55 -1.42
CA VAL B 350 -13.92 20.72 -2.86
C VAL B 350 -12.48 21.13 -3.12
N PHE B 351 -11.98 22.10 -2.35
CA PHE B 351 -10.61 22.54 -2.52
C PHE B 351 -9.62 21.44 -2.17
N MET B 352 -9.84 20.77 -1.04
CA MET B 352 -8.87 19.78 -0.57
C MET B 352 -8.83 18.57 -1.48
N VAL B 353 -9.99 18.10 -1.95
CA VAL B 353 -10.01 16.93 -2.83
C VAL B 353 -9.38 17.24 -4.17
N THR B 354 -9.76 18.39 -4.75
CA THR B 354 -9.21 18.77 -6.05
C THR B 354 -7.70 19.05 -5.97
N PHE B 355 -7.27 19.70 -4.90
CA PHE B 355 -5.85 20.02 -4.74
C PHE B 355 -5.02 18.74 -4.64
N ILE B 356 -5.42 17.82 -3.77
CA ILE B 356 -4.72 16.54 -3.66
C ILE B 356 -4.81 15.76 -4.97
N SER B 357 -5.93 15.88 -5.68
CA SER B 357 -6.05 15.21 -6.98
C SER B 357 -5.12 15.83 -8.01
N PHE B 358 -4.86 17.13 -7.92
CA PHE B 358 -3.99 17.79 -8.89
C PHE B 358 -2.52 17.49 -8.63
N LEU B 359 -2.10 17.49 -7.36
CA LEU B 359 -0.72 17.19 -7.04
C LEU B 359 -0.33 15.76 -7.43
N ILE B 360 -1.29 14.83 -7.36
CA ILE B 360 -1.02 13.46 -7.82
C ILE B 360 -0.85 13.45 -9.34
N ALA B 361 -1.64 14.26 -10.04
CA ALA B 361 -1.56 14.29 -11.50
C ALA B 361 -0.23 14.82 -12.00
N VAL B 362 0.38 15.76 -11.26
CA VAL B 362 1.64 16.35 -11.70
C VAL B 362 2.80 15.39 -11.43
N VAL B 363 2.76 14.68 -10.31
CA VAL B 363 3.84 13.76 -9.98
C VAL B 363 3.95 12.66 -11.03
N GLU B 364 2.82 12.05 -11.38
CA GLU B 364 2.83 10.95 -12.34
C GLU B 364 3.15 11.42 -13.75
N ALA B 365 2.92 12.69 -14.06
CA ALA B 365 3.33 13.22 -15.36
C ALA B 365 4.84 13.46 -15.42
N ILE B 366 5.45 13.77 -14.27
CA ILE B 366 6.91 13.93 -14.24
C ILE B 366 7.59 12.59 -14.44
N ILE B 367 7.03 11.52 -13.87
CA ILE B 367 7.62 10.20 -14.04
C ILE B 367 7.52 9.76 -15.49
N VAL B 368 6.43 10.11 -16.17
CA VAL B 368 6.30 9.77 -17.58
C VAL B 368 7.29 10.57 -18.43
N LEU B 369 7.43 11.86 -18.13
CA LEU B 369 8.34 12.69 -18.90
C LEU B 369 9.80 12.30 -18.68
N SER B 370 10.13 11.82 -17.48
CA SER B 370 11.50 11.40 -17.19
C SER B 370 11.81 10.02 -17.75
N LEU B 371 10.81 9.16 -17.87
CA LEU B 371 10.99 7.83 -18.42
C LEU B 371 10.46 7.71 -19.84
N ARG B 372 10.21 8.85 -20.50
CA ARG B 372 9.56 8.84 -21.81
C ARG B 372 10.30 8.01 -22.85
N ASN B 373 11.59 7.74 -22.64
CA ASN B 373 12.37 6.94 -23.58
C ASN B 373 12.25 5.45 -23.34
N VAL B 374 11.53 5.02 -22.29
CA VAL B 374 11.45 3.60 -21.97
C VAL B 374 10.01 3.20 -21.62
N ILE B 375 9.10 4.17 -21.53
CA ILE B 375 7.71 3.89 -21.18
C ILE B 375 7.12 2.81 -22.10
N SER B 376 7.39 2.92 -23.40
CA SER B 376 6.83 1.96 -24.35
C SER B 376 7.35 0.55 -24.09
N TYR B 377 8.60 0.41 -23.65
CA TYR B 377 9.20 -0.91 -23.49
C TYR B 377 8.43 -1.77 -22.50
N ALA B 378 7.71 -1.15 -21.56
CA ALA B 378 6.94 -1.93 -20.59
C ALA B 378 5.81 -2.69 -21.26
N PHE B 379 5.15 -2.08 -22.24
CA PHE B 379 4.05 -2.71 -22.94
C PHE B 379 4.53 -3.50 -24.16
N THR B 380 5.14 -2.81 -25.12
CA THR B 380 5.65 -3.42 -26.33
C THR B 380 7.14 -3.12 -26.49
N GLU B 381 7.90 -4.12 -26.91
CA GLU B 381 9.35 -3.98 -27.05
C GLU B 381 9.66 -3.56 -28.49
N GLY B 382 9.46 -2.26 -28.75
CA GLY B 382 9.75 -1.69 -30.04
C GLY B 382 10.54 -0.40 -29.94
N GLU B 383 11.67 -0.32 -30.64
CA GLU B 383 12.51 0.86 -30.56
C GLU B 383 11.88 2.05 -31.26
N VAL B 384 11.25 1.81 -32.42
CA VAL B 384 10.60 2.90 -33.14
C VAL B 384 9.34 3.34 -32.41
N VAL B 385 8.69 2.43 -31.68
CA VAL B 385 7.51 2.81 -30.90
C VAL B 385 7.91 3.63 -29.69
N ALA B 386 9.06 3.31 -29.10
CA ALA B 386 9.53 4.07 -27.94
C ALA B 386 9.89 5.50 -28.31
N LYS B 387 10.40 5.72 -29.52
CA LYS B 387 10.73 7.08 -29.95
C LYS B 387 9.47 7.89 -30.21
N GLU B 388 8.43 7.25 -30.77
CA GLU B 388 7.18 7.95 -31.00
C GLU B 388 6.44 8.20 -29.69
N VAL B 389 6.54 7.26 -28.74
CA VAL B 389 5.95 7.47 -27.41
C VAL B 389 6.60 8.68 -26.75
N SER B 390 7.94 8.74 -26.78
CA SER B 390 8.66 9.87 -26.20
C SER B 390 8.24 11.19 -26.86
N SER B 391 7.81 11.14 -28.12
CA SER B 391 7.32 12.35 -28.78
C SER B 391 5.90 12.69 -28.34
N LEU B 392 5.11 11.70 -27.93
CA LEU B 392 3.75 11.94 -27.46
C LEU B 392 3.67 12.15 -25.96
N CYS B 393 4.70 11.77 -25.20
CA CYS B 393 4.67 11.99 -23.75
C CYS B 393 4.47 13.46 -23.36
N PRO B 394 5.03 14.46 -24.05
CA PRO B 394 4.64 15.84 -23.73
C PRO B 394 3.14 16.08 -23.84
N TYR B 395 2.52 15.63 -24.93
CA TYR B 395 1.06 15.74 -25.04
C TYR B 395 0.36 14.84 -24.04
N LEU B 396 0.94 13.68 -23.74
CA LEU B 396 0.34 12.77 -22.76
C LEU B 396 0.39 13.37 -21.36
N ALA B 397 1.51 13.98 -21.00
CA ALA B 397 1.65 14.54 -19.65
C ALA B 397 0.68 15.68 -19.41
N VAL B 398 0.29 16.40 -20.47
CA VAL B 398 -0.67 17.49 -20.32
C VAL B 398 -2.03 16.96 -19.89
N THR B 399 -2.55 15.97 -20.62
CA THR B 399 -3.85 15.41 -20.28
C THR B 399 -3.87 14.79 -18.89
N LEU B 400 -2.74 14.23 -18.45
CA LEU B 400 -2.68 13.67 -17.10
C LEU B 400 -2.93 14.74 -16.05
N ILE B 401 -2.37 15.93 -16.24
CA ILE B 401 -2.64 17.03 -15.32
C ILE B 401 -4.08 17.51 -15.47
N LEU B 402 -4.57 17.61 -16.70
CA LEU B 402 -5.97 17.95 -16.94
C LEU B 402 -6.90 16.90 -16.34
N ASN B 403 -6.54 15.63 -16.47
CA ASN B 403 -7.35 14.57 -15.87
C ASN B 403 -7.26 14.54 -14.36
N GLY B 404 -6.45 15.39 -13.74
CA GLY B 404 -6.47 15.55 -12.30
C GLY B 404 -7.43 16.58 -11.78
N ILE B 405 -8.06 17.33 -12.68
CA ILE B 405 -8.97 18.41 -12.30
C ILE B 405 -10.32 18.19 -12.97
N GLN B 406 -10.32 17.58 -14.16
CA GLN B 406 -11.57 17.43 -14.91
C GLN B 406 -12.55 16.49 -14.21
N PRO B 407 -12.20 15.24 -13.86
CA PRO B 407 -13.21 14.36 -13.26
C PRO B 407 -13.64 14.82 -11.87
N VAL B 408 -12.72 15.37 -11.07
CA VAL B 408 -13.10 15.82 -9.73
C VAL B 408 -14.03 17.02 -9.81
N LEU B 409 -13.87 17.87 -10.83
CA LEU B 409 -14.84 18.94 -11.03
C LEU B 409 -16.18 18.40 -11.53
N SER B 410 -16.14 17.29 -12.27
CA SER B 410 -17.39 16.64 -12.66
C SER B 410 -18.07 15.98 -11.46
N GLY B 411 -17.28 15.56 -10.46
CA GLY B 411 -17.87 14.97 -9.27
C GLY B 411 -18.58 16.00 -8.41
N VAL B 412 -17.95 17.16 -8.19
CA VAL B 412 -18.61 18.22 -7.43
C VAL B 412 -19.78 18.81 -8.21
N ALA B 413 -19.76 18.71 -9.55
CA ALA B 413 -20.89 19.15 -10.34
C ALA B 413 -22.08 18.22 -10.17
N VAL B 414 -21.82 16.91 -10.05
CA VAL B 414 -22.89 15.97 -9.76
C VAL B 414 -23.44 16.20 -8.36
N GLY B 415 -22.54 16.39 -7.38
CA GLY B 415 -22.98 16.61 -6.02
C GLY B 415 -23.78 17.89 -5.85
N CYS B 416 -23.48 18.91 -6.66
CA CYS B 416 -24.22 20.17 -6.60
C CYS B 416 -25.41 20.21 -7.53
N GLY B 417 -25.58 19.22 -8.40
CA GLY B 417 -26.68 19.22 -9.35
C GLY B 417 -26.44 20.06 -10.59
N TRP B 418 -25.19 20.50 -10.83
CA TRP B 418 -24.84 21.28 -12.01
C TRP B 418 -24.77 20.43 -13.28
N GLN B 419 -25.16 19.16 -13.16
CA GLN B 419 -25.02 18.20 -14.25
C GLN B 419 -25.86 18.56 -15.48
N ALA B 420 -26.86 19.43 -15.32
CA ALA B 420 -27.59 19.92 -16.49
C ALA B 420 -26.81 21.05 -17.17
N PHE B 421 -26.13 21.88 -16.39
CA PHE B 421 -25.31 22.95 -16.96
C PHE B 421 -24.05 22.41 -17.60
N VAL B 422 -23.47 21.34 -17.04
CA VAL B 422 -22.27 20.75 -17.62
C VAL B 422 -22.58 20.08 -18.95
N ALA B 423 -23.83 19.62 -19.13
CA ALA B 423 -24.20 18.98 -20.39
C ALA B 423 -24.12 19.96 -21.55
N TYR B 424 -24.58 21.20 -21.36
CA TYR B 424 -24.48 22.20 -22.41
C TYR B 424 -23.02 22.59 -22.66
N VAL B 425 -22.21 22.64 -21.60
CA VAL B 425 -20.81 22.99 -21.74
C VAL B 425 -20.04 21.89 -22.47
N ASN B 426 -20.38 20.63 -22.19
CA ASN B 426 -19.68 19.52 -22.84
C ASN B 426 -19.93 19.51 -24.34
N VAL B 427 -21.16 19.81 -24.76
CA VAL B 427 -21.48 19.81 -26.19
C VAL B 427 -20.71 20.90 -26.92
N GLY B 428 -20.57 22.07 -26.29
CA GLY B 428 -19.87 23.18 -26.89
C GLY B 428 -18.37 23.02 -26.93
N CYS B 429 -17.79 22.47 -25.86
CA CYS B 429 -16.34 22.34 -25.78
C CYS B 429 -15.84 21.08 -26.50
N TYR B 430 -16.49 19.94 -26.25
CA TYR B 430 -16.02 18.68 -26.80
C TYR B 430 -16.40 18.54 -28.27
N TYR B 431 -17.66 18.80 -28.61
CA TYR B 431 -18.15 18.57 -29.95
C TYR B 431 -18.11 19.81 -30.83
N GLY B 432 -18.15 21.00 -30.23
CA GLY B 432 -18.12 22.22 -31.00
C GLY B 432 -16.72 22.72 -31.27
N VAL B 433 -15.79 22.41 -30.37
CA VAL B 433 -14.41 22.87 -30.45
C VAL B 433 -13.43 21.71 -30.43
N GLY B 434 -13.63 20.77 -29.50
CA GLY B 434 -12.65 19.71 -29.31
C GLY B 434 -12.55 18.77 -30.51
N ILE B 435 -13.68 18.22 -30.94
CA ILE B 435 -13.71 17.26 -32.04
C ILE B 435 -13.30 17.93 -33.35
N PRO B 436 -13.84 19.10 -33.72
CA PRO B 436 -13.38 19.73 -34.98
C PRO B 436 -11.91 20.11 -34.96
N LEU B 437 -11.36 20.50 -33.82
CA LEU B 437 -9.95 20.83 -33.76
C LEU B 437 -9.08 19.59 -33.94
N GLY B 438 -9.55 18.43 -33.45
CA GLY B 438 -8.78 17.22 -33.63
C GLY B 438 -8.71 16.77 -35.09
N CYS B 439 -9.82 16.92 -35.82
CA CYS B 439 -9.82 16.58 -37.23
C CYS B 439 -9.07 17.62 -38.06
N LEU B 440 -9.14 18.89 -37.66
CA LEU B 440 -8.44 19.94 -38.40
C LEU B 440 -6.93 19.81 -38.23
N LEU B 441 -6.46 19.51 -37.03
CA LEU B 441 -5.03 19.40 -36.77
C LEU B 441 -4.49 18.00 -37.04
N GLY B 442 -5.29 16.97 -36.79
CA GLY B 442 -4.82 15.60 -36.98
C GLY B 442 -4.74 15.17 -38.42
N PHE B 443 -5.81 15.40 -39.18
CA PHE B 443 -5.90 14.97 -40.57
C PHE B 443 -5.61 16.09 -41.55
N LYS B 444 -6.31 17.22 -41.44
CA LYS B 444 -6.18 18.29 -42.44
C LYS B 444 -4.83 18.98 -42.36
N PHE B 445 -4.21 19.02 -41.17
CA PHE B 445 -2.92 19.67 -41.00
C PHE B 445 -1.77 18.69 -40.87
N ASP B 446 -2.04 17.39 -40.82
CA ASP B 446 -1.02 16.34 -40.88
C ASP B 446 -0.09 16.37 -39.68
N PHE B 447 -0.58 16.82 -38.51
CA PHE B 447 0.17 16.60 -37.28
C PHE B 447 0.12 15.15 -36.82
N GLY B 448 -0.78 14.34 -37.38
CA GLY B 448 -0.89 12.95 -37.00
C GLY B 448 -1.63 12.75 -35.70
N ALA B 449 -1.18 11.76 -34.91
CA ALA B 449 -1.78 11.53 -33.60
C ALA B 449 -1.55 12.69 -32.64
N LYS B 450 -0.49 13.48 -32.87
CA LYS B 450 -0.26 14.64 -32.01
C LYS B 450 -1.36 15.68 -32.18
N GLY B 451 -1.83 15.89 -33.41
CA GLY B 451 -2.88 16.87 -33.63
C GLY B 451 -4.20 16.47 -33.03
N ILE B 452 -4.60 15.20 -33.21
CA ILE B 452 -5.82 14.72 -32.60
C ILE B 452 -5.71 14.77 -31.08
N TRP B 453 -4.55 14.42 -30.54
CA TRP B 453 -4.32 14.56 -29.11
C TRP B 453 -4.33 16.03 -28.69
N THR B 454 -3.74 16.90 -29.51
CA THR B 454 -3.76 18.33 -29.22
C THR B 454 -5.19 18.87 -29.27
N GLY B 455 -5.95 18.49 -30.31
CA GLY B 455 -7.34 18.86 -30.37
C GLY B 455 -8.15 18.31 -29.21
N MET B 456 -7.75 17.14 -28.70
CA MET B 456 -8.38 16.61 -27.50
C MET B 456 -8.02 17.46 -26.28
N ILE B 457 -6.77 17.91 -26.21
CA ILE B 457 -6.35 18.78 -25.10
C ILE B 457 -7.12 20.09 -25.13
N GLY B 458 -7.09 20.78 -26.27
CA GLY B 458 -7.77 22.05 -26.38
C GLY B 458 -9.27 21.97 -26.13
N GLY B 459 -9.87 20.82 -26.43
CA GLY B 459 -11.26 20.60 -26.10
C GLY B 459 -11.46 20.24 -24.64
N THR B 460 -10.50 19.49 -24.10
CA THR B 460 -10.58 19.12 -22.69
C THR B 460 -10.27 20.31 -21.79
N VAL B 461 -9.18 21.02 -22.06
CA VAL B 461 -8.77 22.12 -21.18
C VAL B 461 -9.81 23.23 -21.19
N MET B 462 -10.53 23.40 -22.30
CA MET B 462 -11.55 24.44 -22.34
C MET B 462 -12.73 24.08 -21.46
N GLN B 463 -13.07 22.79 -21.38
CA GLN B 463 -14.16 22.37 -20.49
C GLN B 463 -13.74 22.42 -19.04
N THR B 464 -12.45 22.18 -18.74
CA THR B 464 -11.98 22.28 -17.36
C THR B 464 -11.94 23.72 -16.88
N ILE B 465 -11.70 24.67 -17.79
CA ILE B 465 -11.69 26.08 -17.41
C ILE B 465 -13.10 26.54 -17.05
N ILE B 466 -14.11 26.04 -17.76
CA ILE B 466 -15.49 26.42 -17.45
C ILE B 466 -15.87 25.95 -16.05
N LEU B 467 -15.60 24.68 -15.74
CA LEU B 467 -15.97 24.14 -14.43
C LEU B 467 -15.13 24.74 -13.32
N LEU B 468 -13.90 25.16 -13.62
CA LEU B 468 -13.09 25.83 -12.61
C LEU B 468 -13.64 27.21 -12.27
N TRP B 469 -14.13 27.93 -13.28
CA TRP B 469 -14.73 29.25 -13.04
C TRP B 469 -16.00 29.13 -12.23
N VAL B 470 -16.80 28.09 -12.47
CA VAL B 470 -18.06 27.92 -11.77
C VAL B 470 -17.81 27.60 -10.30
N THR B 471 -16.95 26.61 -10.03
CA THR B 471 -16.77 26.13 -8.66
C THR B 471 -16.25 27.23 -7.75
N PHE B 472 -15.32 28.06 -8.23
CA PHE B 472 -14.85 29.19 -7.45
C PHE B 472 -15.92 30.28 -7.32
N SER B 473 -16.93 30.27 -8.19
CA SER B 473 -18.00 31.25 -8.15
C SER B 473 -19.30 30.68 -7.60
N THR B 474 -19.31 29.43 -7.17
CA THR B 474 -20.52 28.83 -6.62
C THR B 474 -20.85 29.44 -5.26
N ASP B 475 -22.07 29.91 -5.11
CA ASP B 475 -22.58 30.36 -3.81
C ASP B 475 -23.02 29.12 -3.05
N TRP B 476 -22.18 28.68 -2.11
CA TRP B 476 -22.45 27.43 -1.40
C TRP B 476 -23.70 27.51 -0.53
N ASN B 477 -24.15 28.70 -0.17
CA ASN B 477 -25.43 28.84 0.51
C ASN B 477 -26.59 28.57 -0.44
N LYS B 478 -26.43 28.88 -1.73
CA LYS B 478 -27.47 28.60 -2.70
C LYS B 478 -27.55 27.11 -3.03
N GLU B 479 -26.40 26.43 -3.09
CA GLU B 479 -26.39 25.01 -3.41
C GLU B 479 -26.93 24.17 -2.26
N VAL B 480 -26.89 24.68 -1.03
CA VAL B 480 -27.51 23.97 0.09
C VAL B 480 -29.03 24.04 -0.02
N GLU B 481 -29.55 25.21 -0.37
CA GLU B 481 -31.00 25.36 -0.49
C GLU B 481 -31.55 24.55 -1.66
N SER B 482 -30.88 24.61 -2.81
CA SER B 482 -31.33 23.83 -3.97
C SER B 482 -31.25 22.32 -3.70
N ALA B 483 -30.27 21.89 -2.90
CA ALA B 483 -30.17 20.46 -2.56
C ALA B 483 -31.38 20.01 -1.74
N ARG B 484 -31.71 20.77 -0.68
CA ARG B 484 -32.86 20.43 0.15
C ARG B 484 -34.13 20.48 -0.69
N LYS B 485 -34.31 21.55 -1.48
CA LYS B 485 -35.50 21.68 -2.31
C LYS B 485 -35.65 20.51 -3.26
N ARG B 486 -34.54 20.07 -3.87
CA ARG B 486 -34.59 18.95 -4.81
C ARG B 486 -35.02 17.68 -4.10
N LEU B 487 -34.53 17.47 -2.88
CA LEU B 487 -34.85 16.25 -2.14
C LEU B 487 -36.34 16.18 -1.81
N ASP B 488 -36.94 17.33 -1.48
CA ASP B 488 -38.33 17.33 -1.05
C ASP B 488 -39.26 16.93 -2.20
N LYS B 489 -38.98 17.43 -3.40
CA LYS B 489 -39.85 17.16 -4.54
C LYS B 489 -39.84 15.68 -4.88
N TRP B 490 -38.66 15.07 -4.92
CA TRP B 490 -38.56 13.66 -5.23
C TRP B 490 -39.16 12.79 -4.12
N GLU B 491 -39.00 13.24 -2.86
CA GLU B 491 -39.48 12.41 -1.75
C GLU B 491 -41.00 12.36 -1.71
N ASN B 492 -41.67 13.47 -2.02
CA ASN B 492 -43.12 13.50 -1.92
C ASN B 492 -43.77 12.54 -2.92
N LEU B 493 -43.19 12.41 -4.10
CA LEU B 493 -43.75 11.55 -5.12
C LEU B 493 -42.84 10.36 -5.41
C1 PEG C . 11.94 -18.99 31.90
O1 PEG C . 11.05 -18.21 31.14
C2 PEG C . 13.34 -18.88 31.39
O2 PEG C . 14.18 -19.75 32.13
C3 PEG C . 15.52 -19.76 31.66
C4 PEG C . 16.33 -20.72 32.46
O4 PEG C . 17.68 -20.79 32.02
C18 OLC D . 9.09 -27.50 23.61
C10 OLC D . 1.23 -25.95 26.68
C9 OLC D . 0.31 -25.15 27.15
C17 OLC D . 8.85 -26.55 24.77
C11 OLC D . 2.67 -25.65 26.43
C8 OLC D . -1.13 -25.52 27.32
C24 OLC D . -8.63 -20.23 31.63
C16 OLC D . 7.40 -26.30 25.08
C12 OLC D . 3.58 -26.31 27.42
C7 OLC D . -1.31 -26.80 28.07
C15 OLC D . 7.16 -25.32 26.20
C13 OLC D . 5.02 -26.46 26.96
C6 OLC D . -0.79 -26.79 29.50
C14 OLC D . 5.70 -25.16 26.58
C5 OLC D . -1.61 -25.94 30.45
C4 OLC D . -3.04 -26.41 30.62
C3 OLC D . -3.88 -25.55 31.55
C2 OLC D . -3.96 -24.13 31.08
C21 OLC D . -6.68 -21.80 31.97
C1 OLC D . -4.84 -23.27 31.95
C22 OLC D . -7.74 -21.30 31.03
O19 OLC D . -4.67 -23.07 33.13
O25 OLC D . -7.88 -19.08 32.03
O23 OLC D . -7.12 -20.80 29.83
O20 OLC D . -5.83 -22.73 31.26
P PO4 E . 22.47 -11.97 12.09
O1 PO4 E . 23.41 -12.13 10.93
O2 PO4 E . 21.91 -13.33 12.46
O3 PO4 E . 23.21 -11.39 13.27
O4 PO4 E . 21.34 -11.04 11.71
CL CL F . 14.13 13.08 -26.28
P PO4 G . -14.73 -0.43 -19.02
O1 PO4 G . -13.99 -1.44 -19.86
O2 PO4 G . -15.04 0.79 -19.85
O3 PO4 G . -13.90 -0.04 -17.83
O4 PO4 G . -16.04 -1.05 -18.54
#